data_4FGW
#
_entry.id   4FGW
#
_cell.length_a   64.420
_cell.length_b   64.420
_cell.length_c   198.410
_cell.angle_alpha   90.00
_cell.angle_beta   90.00
_cell.angle_gamma   90.00
#
_symmetry.space_group_name_H-M   'P 43'
#
loop_
_entity.id
_entity.type
_entity.pdbx_description
1 polymer 'Glycerol-3-phosphate dehydrogenase [NAD(+)] 1'
2 water water
#
_entity_poly.entity_id   1
_entity_poly.type   'polypeptide(L)'
_entity_poly.pdbx_seq_one_letter_code
;MSAAADRLNLTSGHLNAGRKRSSSSVSLKAAEKPFKVTVIGSGNWGTTIAKVVAENCKGYPEVFAPIVQMWVFEEEINGE
KLTEIINTRHQNVKYLPGITLPDNLVANPDLIDSVKDVDIIVFNIPHQFLPRICSQLKGHVDSHVRAISCLKGFEVGAKG
VQLLSSYITEELGIQCGALSGANIATEVAQEHWSETTVAYHIPKDFRGEGKDVDHKVLKALFHRPYFHVSVIEDVAGISI
CGALKNVVALGCGFVEGLGWGNNASAAIQRVGLGEIIRFGQMFFPESREETYYQESAGVADLITTCAGGRNVKVARLMAT
SGKDAWECEKELLNGQSAQGLITCKEVHEWLETCGSVEDFPLFEAVYQIVYNNYPMKNLPDMIEELDLHED
;
_entity_poly.pdbx_strand_id   A,B
#
# COMPACT_ATOMS: atom_id res chain seq x y z
N LYS A 33 16.10 -38.51 11.25
CA LYS A 33 14.85 -38.42 10.51
C LYS A 33 14.10 -37.08 10.73
N PRO A 34 13.66 -36.69 11.96
CA PRO A 34 12.99 -35.37 12.10
C PRO A 34 14.01 -34.24 12.03
N PHE A 35 13.55 -33.02 11.69
CA PHE A 35 14.44 -31.88 11.53
C PHE A 35 14.81 -31.14 12.82
N LYS A 36 16.10 -31.11 13.13
CA LYS A 36 16.65 -30.40 14.29
C LYS A 36 16.86 -28.94 13.89
N VAL A 37 16.28 -28.00 14.65
CA VAL A 37 16.35 -26.57 14.33
C VAL A 37 17.20 -25.78 15.34
N THR A 38 18.10 -24.93 14.83
CA THR A 38 18.96 -24.05 15.63
C THR A 38 18.81 -22.60 15.13
N VAL A 39 18.66 -21.68 16.09
CA VAL A 39 18.56 -20.24 15.83
C VAL A 39 19.88 -19.58 16.29
N ILE A 40 20.57 -18.89 15.36
CA ILE A 40 21.80 -18.15 15.67
C ILE A 40 21.35 -16.69 15.85
N GLY A 41 21.16 -16.25 17.10
CA GLY A 41 20.67 -14.90 17.34
C GLY A 41 20.64 -14.35 18.75
N SER A 42 19.64 -14.81 19.53
CA SER A 42 19.41 -14.44 20.95
C SER A 42 18.94 -13.03 21.31
N GLY A 43 18.96 -12.10 20.35
CA GLY A 43 18.49 -10.73 20.60
C GLY A 43 16.97 -10.62 20.57
N ASN A 44 16.47 -9.45 20.25
CA ASN A 44 15.05 -9.14 20.03
C ASN A 44 14.33 -10.15 19.16
N TRP A 45 14.67 -10.06 17.89
CA TRP A 45 14.13 -10.85 16.81
C TRP A 45 14.54 -12.32 16.90
N GLY A 46 15.78 -12.56 17.33
CA GLY A 46 16.35 -13.89 17.51
C GLY A 46 15.59 -14.75 18.50
N THR A 47 15.28 -14.20 19.70
CA THR A 47 14.55 -14.89 20.78
C THR A 47 13.10 -15.12 20.36
N THR A 48 12.49 -14.11 19.71
CA THR A 48 11.13 -14.14 19.22
C THR A 48 10.95 -15.24 18.16
N ILE A 49 11.83 -15.27 17.14
CA ILE A 49 11.77 -16.29 16.09
C ILE A 49 12.00 -17.70 16.63
N ALA A 50 12.85 -17.82 17.66
CA ALA A 50 13.19 -19.06 18.35
C ALA A 50 11.99 -19.59 19.16
N LYS A 51 11.14 -18.67 19.69
CA LYS A 51 9.93 -18.97 20.43
C LYS A 51 8.88 -19.54 19.46
N VAL A 52 8.74 -18.90 18.27
CA VAL A 52 7.85 -19.27 17.16
C VAL A 52 8.19 -20.69 16.68
N VAL A 53 9.50 -20.96 16.45
CA VAL A 53 10.06 -22.22 16.01
C VAL A 53 9.88 -23.34 17.06
N ALA A 54 10.16 -23.04 18.36
CA ALA A 54 9.98 -24.01 19.46
C ALA A 54 8.53 -24.44 19.66
N GLU A 55 7.58 -23.50 19.44
CA GLU A 55 6.14 -23.75 19.52
C GLU A 55 5.71 -24.74 18.44
N ASN A 56 6.24 -24.57 17.21
CA ASN A 56 5.94 -25.42 16.06
C ASN A 56 6.61 -26.79 16.12
N CYS A 57 7.82 -26.88 16.70
CA CYS A 57 8.55 -28.15 16.88
C CYS A 57 7.76 -29.08 17.81
N LYS A 58 7.17 -28.49 18.87
CA LYS A 58 6.29 -29.19 19.82
C LYS A 58 4.96 -29.55 19.12
N GLY A 59 4.53 -28.68 18.19
CA GLY A 59 3.32 -28.85 17.41
C GLY A 59 3.40 -29.86 16.28
N TYR A 60 4.62 -30.14 15.78
CA TYR A 60 4.86 -31.11 14.71
C TYR A 60 5.96 -32.13 15.10
N PRO A 61 5.67 -33.10 16.00
CA PRO A 61 6.72 -34.04 16.43
C PRO A 61 7.18 -35.07 15.37
N GLU A 62 6.37 -35.27 14.32
CA GLU A 62 6.67 -36.20 13.21
C GLU A 62 7.53 -35.52 12.13
N VAL A 63 7.65 -34.18 12.19
CA VAL A 63 8.39 -33.35 11.23
C VAL A 63 9.68 -32.78 11.85
N PHE A 64 9.58 -32.17 13.04
CA PHE A 64 10.73 -31.56 13.71
C PHE A 64 11.10 -32.21 15.02
N ALA A 65 12.39 -32.16 15.37
CA ALA A 65 12.95 -32.67 16.64
C ALA A 65 12.33 -31.85 17.80
N PRO A 66 12.13 -32.44 19.00
CA PRO A 66 11.45 -31.68 20.07
C PRO A 66 12.13 -30.40 20.54
N ILE A 67 13.46 -30.42 20.70
CA ILE A 67 14.29 -29.33 21.22
C ILE A 67 14.82 -28.40 20.13
N VAL A 68 14.74 -27.10 20.40
CA VAL A 68 15.33 -26.08 19.52
C VAL A 68 16.42 -25.38 20.29
N GLN A 69 17.59 -25.31 19.67
CA GLN A 69 18.78 -24.71 20.23
C GLN A 69 18.89 -23.24 19.79
N MET A 70 19.28 -22.35 20.70
CA MET A 70 19.46 -20.93 20.39
C MET A 70 20.84 -20.49 20.84
N TRP A 71 21.68 -20.05 19.87
CA TRP A 71 23.02 -19.57 20.21
C TRP A 71 22.94 -18.20 20.88
N VAL A 72 23.40 -18.15 22.13
CA VAL A 72 23.43 -16.93 22.94
C VAL A 72 24.89 -16.58 23.21
N PHE A 73 25.32 -15.37 22.80
CA PHE A 73 26.68 -14.88 23.07
C PHE A 73 26.69 -14.63 24.59
N GLU A 74 27.47 -15.44 25.33
CA GLU A 74 27.53 -15.40 26.79
C GLU A 74 27.81 -14.04 27.40
N GLU A 75 26.92 -13.63 28.31
CA GLU A 75 26.94 -12.38 29.08
C GLU A 75 26.41 -12.70 30.48
N GLU A 76 26.87 -11.94 31.45
CA GLU A 76 26.52 -12.17 32.85
C GLU A 76 25.63 -11.06 33.34
N ILE A 77 24.61 -11.41 34.09
CA ILE A 77 23.66 -10.42 34.55
C ILE A 77 23.89 -10.07 36.01
N ASN A 78 23.17 -10.72 36.89
CA ASN A 78 23.46 -10.63 38.31
C ASN A 78 24.75 -11.37 38.55
N GLY A 79 25.72 -11.12 37.68
CA GLY A 79 26.94 -11.91 37.65
C GLY A 79 26.55 -13.31 37.23
N GLU A 80 25.28 -13.44 36.87
CA GLU A 80 24.64 -14.70 36.45
C GLU A 80 24.83 -14.95 34.97
N LYS A 81 24.76 -16.20 34.56
CA LYS A 81 24.82 -16.54 33.13
C LYS A 81 23.45 -16.43 32.47
N LEU A 82 23.36 -15.65 31.37
CA LEU A 82 22.14 -15.41 30.60
C LEU A 82 21.56 -16.72 30.04
N THR A 83 22.44 -17.64 29.58
CA THR A 83 22.09 -18.95 29.03
C THR A 83 21.31 -19.81 30.03
N GLU A 84 21.69 -19.72 31.33
CA GLU A 84 21.06 -20.47 32.42
C GLU A 84 19.78 -19.81 32.95
N ILE A 85 19.65 -18.48 32.81
CA ILE A 85 18.46 -17.70 33.18
C ILE A 85 17.31 -18.13 32.24
N ILE A 86 17.64 -18.32 30.94
CA ILE A 86 16.71 -18.78 29.90
C ILE A 86 16.36 -20.27 30.11
N ASN A 87 17.35 -21.11 30.47
CA ASN A 87 17.12 -22.55 30.71
C ASN A 87 16.43 -22.84 32.06
N THR A 88 15.42 -22.01 32.42
CA THR A 88 14.57 -21.91 33.62
C THR A 88 15.00 -20.69 34.45
N ARG A 89 14.13 -19.65 34.67
CA ARG A 89 12.68 -19.54 34.45
C ARG A 89 12.12 -19.20 33.05
N HIS A 90 12.87 -19.49 31.97
CA HIS A 90 12.46 -19.30 30.57
C HIS A 90 12.07 -17.86 30.17
N GLN A 91 13.04 -16.93 30.33
CA GLN A 91 12.88 -15.52 29.99
C GLN A 91 14.21 -14.90 29.61
N ASN A 92 14.29 -14.23 28.44
CA ASN A 92 15.49 -13.51 28.01
C ASN A 92 15.36 -12.13 28.66
N VAL A 93 15.67 -12.08 29.97
CA VAL A 93 15.59 -10.93 30.86
C VAL A 93 16.15 -9.61 30.31
N LYS A 94 17.18 -9.67 29.47
CA LYS A 94 17.83 -8.49 28.88
C LYS A 94 17.25 -8.07 27.53
N TYR A 95 17.12 -9.02 26.58
CA TYR A 95 16.68 -8.73 25.22
C TYR A 95 15.19 -8.85 24.89
N LEU A 96 14.44 -9.63 25.69
CA LEU A 96 12.99 -9.82 25.51
C LEU A 96 12.30 -10.00 26.88
N PRO A 97 12.26 -8.93 27.73
CA PRO A 97 11.66 -9.08 29.07
C PRO A 97 10.14 -9.28 29.11
N GLY A 98 9.69 -10.10 30.06
CA GLY A 98 8.28 -10.41 30.30
C GLY A 98 7.69 -11.47 29.40
N ILE A 99 8.50 -12.03 28.47
CA ILE A 99 8.02 -13.05 27.52
C ILE A 99 8.44 -14.44 27.94
N THR A 100 7.45 -15.27 28.30
CA THR A 100 7.65 -16.65 28.72
C THR A 100 7.99 -17.50 27.49
N LEU A 101 9.14 -18.18 27.54
CA LEU A 101 9.61 -19.04 26.46
C LEU A 101 9.13 -20.49 26.68
N PRO A 102 8.78 -21.24 25.61
CA PRO A 102 8.18 -22.59 25.78
C PRO A 102 8.63 -23.54 26.92
N ASP A 103 9.65 -24.38 26.66
CA ASP A 103 10.23 -25.38 27.55
C ASP A 103 11.35 -26.06 26.77
N ASN A 104 11.10 -26.19 25.47
CA ASN A 104 12.01 -26.82 24.54
C ASN A 104 12.94 -25.88 23.82
N LEU A 105 12.89 -24.62 24.20
CA LEU A 105 13.80 -23.61 23.69
C LEU A 105 14.99 -23.51 24.64
N VAL A 106 16.10 -24.17 24.24
CA VAL A 106 17.33 -24.25 25.03
C VAL A 106 18.41 -23.27 24.51
N ALA A 107 18.93 -22.44 25.42
CA ALA A 107 19.99 -21.46 25.16
C ALA A 107 21.35 -22.17 25.19
N ASN A 108 22.22 -21.83 24.23
CA ASN A 108 23.55 -22.43 24.12
C ASN A 108 24.65 -21.38 23.94
N PRO A 109 25.69 -21.36 24.81
CA PRO A 109 26.74 -20.35 24.65
C PRO A 109 27.79 -20.67 23.59
N ASP A 110 27.87 -21.96 23.17
CA ASP A 110 28.84 -22.45 22.18
C ASP A 110 28.18 -22.54 20.79
N LEU A 111 28.70 -21.77 19.86
CA LEU A 111 28.25 -21.77 18.51
C LEU A 111 28.24 -23.17 17.96
N ILE A 112 29.37 -23.84 18.00
CA ILE A 112 29.51 -25.13 17.39
C ILE A 112 28.64 -26.18 18.03
N ASP A 113 28.42 -26.09 19.34
CA ASP A 113 27.61 -27.08 19.99
C ASP A 113 26.15 -26.96 19.57
N SER A 114 25.72 -25.74 19.32
CA SER A 114 24.33 -25.45 18.93
C SER A 114 24.03 -26.00 17.53
N VAL A 115 25.07 -26.04 16.67
CA VAL A 115 25.03 -26.52 15.29
C VAL A 115 25.26 -28.06 15.19
N LYS A 116 25.53 -28.68 16.32
CA LYS A 116 25.74 -30.12 16.44
C LYS A 116 24.77 -30.88 15.61
N ASP A 117 25.23 -31.37 14.48
CA ASP A 117 24.34 -31.85 13.44
C ASP A 117 22.92 -31.34 13.61
N VAL A 118 22.65 -30.35 12.78
CA VAL A 118 21.47 -29.59 12.83
C VAL A 118 21.06 -29.64 11.39
N ASP A 119 19.77 -29.55 11.15
CA ASP A 119 19.20 -29.69 9.82
C ASP A 119 18.84 -28.32 9.28
N ILE A 120 18.20 -27.47 10.11
CA ILE A 120 17.77 -26.12 9.73
C ILE A 120 18.41 -25.05 10.63
N ILE A 121 19.13 -24.08 10.01
CA ILE A 121 19.71 -22.94 10.73
C ILE A 121 18.90 -21.69 10.41
N VAL A 122 18.43 -21.01 11.47
CA VAL A 122 17.68 -19.76 11.33
C VAL A 122 18.64 -18.64 11.79
N PHE A 123 19.17 -17.84 10.84
CA PHE A 123 20.10 -16.77 11.20
C PHE A 123 19.30 -15.54 11.58
N ASN A 124 19.54 -15.04 12.80
CA ASN A 124 18.84 -13.87 13.30
C ASN A 124 19.74 -13.02 14.21
N ILE A 125 20.74 -12.39 13.61
CA ILE A 125 21.69 -11.52 14.32
C ILE A 125 21.85 -10.24 13.54
N PRO A 126 22.36 -9.18 14.17
CA PRO A 126 22.54 -7.92 13.42
C PRO A 126 23.58 -8.09 12.30
N HIS A 127 23.37 -7.38 11.20
CA HIS A 127 24.18 -7.38 9.96
C HIS A 127 25.69 -7.31 10.16
N GLN A 128 26.14 -6.52 11.14
CA GLN A 128 27.55 -6.34 11.49
C GLN A 128 28.19 -7.61 12.09
N PHE A 129 27.40 -8.55 12.57
CA PHE A 129 27.89 -9.82 13.13
C PHE A 129 27.88 -11.00 12.19
N LEU A 130 27.30 -10.83 11.03
CA LEU A 130 27.27 -11.88 10.00
C LEU A 130 28.67 -12.34 9.56
N PRO A 131 29.65 -11.44 9.26
CA PRO A 131 31.00 -11.92 8.91
C PRO A 131 31.70 -12.72 10.02
N ARG A 132 31.43 -12.40 11.32
CA ARG A 132 31.99 -13.10 12.47
C ARG A 132 31.44 -14.53 12.56
N ILE A 133 30.09 -14.65 12.57
CA ILE A 133 29.33 -15.90 12.66
C ILE A 133 29.70 -16.87 11.54
N CYS A 134 29.81 -16.36 10.29
CA CYS A 134 30.18 -17.14 9.11
C CYS A 134 31.59 -17.67 9.16
N SER A 135 32.56 -16.81 9.55
CA SER A 135 33.98 -17.16 9.69
C SER A 135 34.19 -18.21 10.77
N GLN A 136 33.35 -18.19 11.79
CA GLN A 136 33.40 -19.15 12.87
C GLN A 136 32.68 -20.43 12.62
N LEU A 137 31.73 -20.38 11.71
CA LEU A 137 31.01 -21.60 11.32
C LEU A 137 31.67 -22.36 10.16
N LYS A 138 32.58 -21.70 9.41
CA LYS A 138 33.30 -22.32 8.28
C LYS A 138 33.97 -23.63 8.70
N GLY A 139 33.57 -24.71 8.04
CA GLY A 139 34.09 -26.06 8.31
C GLY A 139 33.49 -26.72 9.53
N HIS A 140 32.31 -26.22 9.99
CA HIS A 140 31.61 -26.75 11.17
C HIS A 140 30.13 -26.99 10.94
N VAL A 141 29.61 -26.60 9.76
CA VAL A 141 28.18 -26.76 9.49
C VAL A 141 27.76 -28.10 8.90
N ASP A 142 27.94 -28.28 7.61
CA ASP A 142 27.53 -29.51 6.96
C ASP A 142 26.73 -29.23 5.72
N SER A 143 27.07 -29.87 4.63
CA SER A 143 26.55 -29.50 3.33
C SER A 143 25.04 -29.69 3.15
N HIS A 144 24.47 -30.59 3.93
CA HIS A 144 23.07 -30.93 3.79
C HIS A 144 22.18 -29.92 4.47
N VAL A 145 22.78 -29.15 5.36
CA VAL A 145 22.12 -28.08 6.11
C VAL A 145 21.53 -27.03 5.17
N ARG A 146 20.29 -26.63 5.48
CA ARG A 146 19.54 -25.60 4.77
C ARG A 146 19.32 -24.49 5.78
N ALA A 147 19.35 -23.24 5.31
CA ALA A 147 19.22 -22.10 6.23
C ALA A 147 18.16 -21.08 5.81
N ILE A 148 17.77 -20.23 6.78
CA ILE A 148 16.84 -19.11 6.61
C ILE A 148 17.47 -17.90 7.30
N SER A 149 17.57 -16.77 6.58
CA SER A 149 18.11 -15.52 7.11
C SER A 149 16.96 -14.57 7.43
N CYS A 150 16.91 -14.09 8.68
CA CYS A 150 15.92 -13.12 9.18
C CYS A 150 16.54 -11.70 9.14
N LEU A 151 17.69 -11.55 8.49
CA LEU A 151 18.40 -10.27 8.39
C LEU A 151 17.73 -9.44 7.29
N LYS A 152 17.14 -8.33 7.68
CA LYS A 152 16.42 -7.50 6.75
C LYS A 152 17.31 -6.70 5.85
N GLY A 153 16.86 -6.54 4.63
CA GLY A 153 17.59 -5.77 3.63
C GLY A 153 18.60 -6.60 2.85
N PHE A 154 19.52 -5.88 2.19
CA PHE A 154 20.57 -6.45 1.37
C PHE A 154 21.76 -5.48 1.34
N GLU A 155 22.89 -5.90 0.78
CA GLU A 155 24.10 -5.08 0.66
C GLU A 155 24.04 -4.32 -0.66
N VAL A 156 24.20 -2.98 -0.59
CA VAL A 156 24.16 -2.07 -1.73
C VAL A 156 25.20 -0.95 -1.54
N GLY A 157 25.92 -0.64 -2.62
CA GLY A 157 26.94 0.40 -2.65
C GLY A 157 27.51 0.57 -4.03
N ALA A 158 28.54 1.43 -4.16
CA ALA A 158 29.22 1.72 -5.43
C ALA A 158 29.81 0.49 -6.13
N LYS A 159 30.31 -0.49 -5.36
CA LYS A 159 30.94 -1.71 -5.88
C LYS A 159 29.97 -2.80 -6.39
N GLY A 160 28.73 -2.80 -5.89
CA GLY A 160 27.74 -3.79 -6.30
C GLY A 160 26.60 -4.03 -5.34
N VAL A 161 25.74 -4.99 -5.70
CA VAL A 161 24.60 -5.43 -4.91
C VAL A 161 24.75 -6.88 -4.49
N GLN A 162 24.43 -7.21 -3.23
CA GLN A 162 24.49 -8.58 -2.73
C GLN A 162 23.47 -8.89 -1.65
N LEU A 163 22.81 -10.04 -1.77
CA LEU A 163 21.87 -10.54 -0.79
C LEU A 163 22.68 -11.15 0.36
N LEU A 164 22.25 -10.96 1.59
CA LEU A 164 22.97 -11.48 2.75
C LEU A 164 22.82 -12.97 2.95
N SER A 165 21.76 -13.51 2.39
CA SER A 165 21.53 -14.96 2.28
C SER A 165 22.57 -15.56 1.29
N SER A 166 22.91 -14.83 0.22
CA SER A 166 23.92 -15.26 -0.75
C SER A 166 25.32 -15.25 -0.13
N TYR A 167 25.58 -14.30 0.81
CA TYR A 167 26.85 -14.21 1.53
C TYR A 167 27.00 -15.48 2.38
N ILE A 168 25.91 -15.88 3.07
CA ILE A 168 25.85 -17.10 3.90
C ILE A 168 26.16 -18.35 3.05
N THR A 169 25.53 -18.45 1.86
CA THR A 169 25.72 -19.54 0.91
C THR A 169 27.16 -19.58 0.40
N GLU A 170 27.71 -18.41 0.01
CA GLU A 170 29.09 -18.39 -0.48
C GLU A 170 30.17 -18.57 0.61
N GLU A 171 29.84 -18.31 1.89
CA GLU A 171 30.76 -18.50 3.01
C GLU A 171 30.60 -19.87 3.68
N LEU A 172 29.40 -20.47 3.62
CA LEU A 172 29.15 -21.76 4.28
C LEU A 172 28.86 -22.95 3.36
N GLY A 173 28.48 -22.67 2.11
CA GLY A 173 28.18 -23.71 1.12
C GLY A 173 26.80 -24.34 1.33
N ILE A 174 25.94 -23.67 2.09
CA ILE A 174 24.59 -24.14 2.41
C ILE A 174 23.51 -23.34 1.71
N GLN A 175 22.39 -24.00 1.32
CA GLN A 175 21.24 -23.30 0.70
C GLN A 175 20.64 -22.36 1.73
N CYS A 176 20.29 -21.13 1.32
CA CYS A 176 19.78 -20.12 2.26
C CYS A 176 18.69 -19.23 1.69
N GLY A 177 17.55 -19.25 2.37
CA GLY A 177 16.40 -18.41 2.03
C GLY A 177 16.29 -17.22 2.96
N ALA A 178 15.17 -16.50 2.91
CA ALA A 178 14.95 -15.33 3.76
C ALA A 178 13.57 -15.29 4.40
N LEU A 179 13.46 -14.60 5.56
CA LEU A 179 12.23 -14.35 6.29
C LEU A 179 12.14 -12.83 6.50
N SER A 180 11.07 -12.20 5.97
CA SER A 180 10.84 -10.74 6.07
C SER A 180 9.35 -10.42 5.91
N GLY A 181 8.87 -9.45 6.67
CA GLY A 181 7.48 -9.01 6.61
C GLY A 181 7.22 -7.77 7.43
N ALA A 182 5.97 -7.27 7.40
CA ALA A 182 5.56 -6.12 8.21
C ALA A 182 5.36 -6.62 9.66
N ASN A 183 6.46 -6.62 10.41
CA ASN A 183 6.48 -7.11 11.79
C ASN A 183 7.60 -6.53 12.63
N ILE A 184 7.40 -6.56 13.95
CA ILE A 184 8.31 -6.09 15.00
C ILE A 184 8.41 -7.25 16.02
N ALA A 185 9.62 -7.59 16.46
CA ALA A 185 9.89 -8.65 17.44
C ALA A 185 8.98 -8.58 18.66
N THR A 186 8.85 -7.37 19.26
CA THR A 186 8.04 -7.05 20.44
C THR A 186 6.56 -7.46 20.28
N GLU A 187 5.97 -7.21 19.11
CA GLU A 187 4.57 -7.54 18.84
C GLU A 187 4.38 -9.04 18.58
N VAL A 188 5.29 -9.67 17.79
CA VAL A 188 5.24 -11.11 17.50
C VAL A 188 5.37 -11.91 18.81
N ALA A 189 6.28 -11.46 19.72
CA ALA A 189 6.53 -12.08 21.04
C ALA A 189 5.29 -11.99 21.92
N GLN A 190 4.61 -10.82 21.91
CA GLN A 190 3.38 -10.56 22.66
C GLN A 190 2.17 -11.28 22.03
N GLU A 191 2.41 -11.97 20.90
CA GLU A 191 1.41 -12.71 20.12
C GLU A 191 0.35 -11.79 19.50
N HIS A 192 0.75 -10.55 19.18
CA HIS A 192 -0.10 -9.57 18.49
C HIS A 192 -0.06 -9.95 17.01
N TRP A 193 -1.22 -10.17 16.41
CA TRP A 193 -1.31 -10.62 15.03
C TRP A 193 -0.60 -9.74 13.97
N SER A 194 0.26 -10.39 13.19
CA SER A 194 0.99 -9.81 12.06
C SER A 194 1.30 -10.95 11.08
N GLU A 195 1.99 -10.61 9.97
CA GLU A 195 2.34 -11.57 8.94
C GLU A 195 3.82 -11.50 8.62
N THR A 196 4.30 -12.53 7.89
CA THR A 196 5.64 -12.59 7.35
C THR A 196 5.66 -13.40 6.07
N THR A 197 6.65 -13.11 5.22
CA THR A 197 6.93 -13.87 4.01
C THR A 197 8.20 -14.66 4.32
N VAL A 198 8.23 -15.93 3.89
CA VAL A 198 9.38 -16.81 3.93
C VAL A 198 9.66 -17.15 2.48
N ALA A 199 10.87 -16.85 1.99
CA ALA A 199 11.28 -17.15 0.62
C ALA A 199 12.42 -18.13 0.61
N TYR A 200 12.34 -19.14 -0.26
CA TYR A 200 13.36 -20.19 -0.36
C TYR A 200 13.27 -20.87 -1.73
N HIS A 201 14.39 -20.92 -2.45
CA HIS A 201 14.47 -21.62 -3.73
C HIS A 201 14.85 -23.04 -3.40
N ILE A 202 13.99 -24.01 -3.80
CA ILE A 202 14.26 -25.43 -3.59
C ILE A 202 15.50 -25.76 -4.43
N PRO A 203 16.57 -26.30 -3.80
CA PRO A 203 17.81 -26.55 -4.56
C PRO A 203 17.83 -27.83 -5.40
N LYS A 204 18.89 -28.00 -6.18
CA LYS A 204 19.16 -29.16 -7.03
C LYS A 204 19.51 -30.39 -6.18
N ASP A 205 20.12 -30.14 -5.01
CA ASP A 205 20.58 -31.10 -4.00
C ASP A 205 19.39 -31.76 -3.23
N PHE A 206 18.16 -31.26 -3.46
CA PHE A 206 16.92 -31.72 -2.82
C PHE A 206 16.62 -33.21 -2.98
N ARG A 207 16.08 -33.82 -1.90
CA ARG A 207 15.67 -35.24 -1.90
C ARG A 207 14.15 -35.38 -1.91
N GLY A 208 13.46 -34.88 -0.88
CA GLY A 208 11.99 -34.91 -0.81
C GLY A 208 11.35 -35.70 0.32
N GLU A 209 10.51 -35.01 1.11
CA GLU A 209 9.71 -35.50 2.25
C GLU A 209 10.49 -36.19 3.37
N GLY A 210 10.36 -35.66 4.59
CA GLY A 210 11.00 -36.16 5.80
C GLY A 210 12.50 -36.35 5.73
N LYS A 211 13.14 -35.83 4.66
CA LYS A 211 14.58 -35.94 4.40
C LYS A 211 15.19 -34.56 4.13
N ASP A 212 14.44 -33.68 3.45
CA ASP A 212 14.87 -32.32 3.11
C ASP A 212 13.76 -31.30 3.33
N VAL A 213 14.12 -30.01 3.34
CA VAL A 213 13.18 -28.91 3.51
C VAL A 213 12.61 -28.41 2.19
N ASP A 214 11.28 -28.27 2.17
CA ASP A 214 10.49 -27.73 1.06
C ASP A 214 9.62 -26.61 1.64
N HIS A 215 8.69 -26.07 0.85
CA HIS A 215 7.81 -24.99 1.30
C HIS A 215 6.81 -25.41 2.36
N LYS A 216 6.43 -26.70 2.39
CA LYS A 216 5.52 -27.28 3.38
C LYS A 216 6.18 -27.29 4.76
N VAL A 217 7.47 -27.70 4.83
CA VAL A 217 8.27 -27.75 6.06
C VAL A 217 8.44 -26.32 6.61
N LEU A 218 8.76 -25.35 5.73
CA LEU A 218 8.94 -23.93 6.08
C LEU A 218 7.64 -23.28 6.54
N LYS A 219 6.49 -23.68 5.97
CA LYS A 219 5.16 -23.19 6.37
C LYS A 219 4.86 -23.70 7.77
N ALA A 220 5.11 -24.99 8.02
CA ALA A 220 4.89 -25.63 9.31
C ALA A 220 5.85 -25.09 10.39
N LEU A 221 7.09 -24.73 10.00
CA LEU A 221 8.12 -24.23 10.91
C LEU A 221 7.84 -22.83 11.46
N PHE A 222 7.32 -21.93 10.61
CA PHE A 222 7.10 -20.54 11.02
C PHE A 222 5.66 -20.12 11.27
N HIS A 223 4.67 -20.74 10.59
CA HIS A 223 3.27 -20.35 10.73
C HIS A 223 2.70 -20.56 12.14
N ARG A 224 2.04 -19.52 12.65
CA ARG A 224 1.38 -19.51 13.96
C ARG A 224 0.01 -18.82 13.77
N PRO A 225 -1.01 -19.05 14.64
CA PRO A 225 -2.29 -18.33 14.45
C PRO A 225 -2.16 -16.80 14.54
N TYR A 226 -1.18 -16.33 15.35
CA TYR A 226 -0.86 -14.91 15.55
C TYR A 226 0.26 -14.42 14.60
N PHE A 227 0.79 -15.31 13.76
CA PHE A 227 1.90 -14.97 12.85
C PHE A 227 1.70 -15.71 11.55
N HIS A 228 0.94 -15.09 10.62
CA HIS A 228 0.62 -15.69 9.32
C HIS A 228 1.84 -15.73 8.41
N VAL A 229 2.11 -16.91 7.85
CA VAL A 229 3.26 -17.15 6.98
C VAL A 229 2.85 -17.49 5.57
N SER A 230 3.47 -16.81 4.60
CA SER A 230 3.31 -17.09 3.17
C SER A 230 4.70 -17.52 2.67
N VAL A 231 4.80 -18.72 2.11
CA VAL A 231 6.06 -19.27 1.61
C VAL A 231 6.14 -19.17 0.09
N ILE A 232 7.21 -18.51 -0.40
CA ILE A 232 7.46 -18.30 -1.82
C ILE A 232 8.90 -18.69 -2.19
N GLU A 233 9.30 -18.48 -3.46
CA GLU A 233 10.64 -18.78 -3.97
C GLU A 233 11.53 -17.54 -3.99
N ASP A 234 10.96 -16.39 -4.41
CA ASP A 234 11.65 -15.13 -4.61
C ASP A 234 12.38 -14.54 -3.39
N VAL A 235 13.61 -15.04 -3.14
CA VAL A 235 14.51 -14.61 -2.06
C VAL A 235 14.98 -13.16 -2.32
N ALA A 236 15.26 -12.82 -3.60
CA ALA A 236 15.72 -11.48 -3.98
C ALA A 236 14.66 -10.39 -3.70
N GLY A 237 13.41 -10.61 -4.14
CA GLY A 237 12.29 -9.69 -3.97
C GLY A 237 12.02 -9.29 -2.54
N ILE A 238 11.89 -10.26 -1.67
CA ILE A 238 11.64 -9.96 -0.27
C ILE A 238 12.77 -9.24 0.44
N SER A 239 14.00 -9.45 -0.02
CA SER A 239 15.20 -8.80 0.51
C SER A 239 15.39 -7.33 0.16
N ILE A 240 15.16 -6.95 -1.10
CA ILE A 240 15.35 -5.57 -1.53
C ILE A 240 14.35 -4.58 -0.91
N CYS A 241 13.12 -5.05 -0.67
CA CYS A 241 12.03 -4.31 -0.03
C CYS A 241 12.44 -3.83 1.36
N GLY A 242 13.04 -4.72 2.16
CA GLY A 242 13.50 -4.47 3.53
C GLY A 242 14.48 -3.33 3.71
N ALA A 243 15.23 -2.99 2.65
CA ALA A 243 16.17 -1.89 2.63
C ALA A 243 15.54 -0.66 1.98
N LEU A 244 14.99 -0.79 0.74
CA LEU A 244 14.42 0.29 -0.07
C LEU A 244 13.22 1.04 0.50
N LYS A 245 12.39 0.36 1.33
CA LYS A 245 11.21 0.94 1.99
C LYS A 245 11.57 2.16 2.84
N ASN A 246 12.77 2.17 3.43
CA ASN A 246 13.22 3.26 4.29
C ASN A 246 13.57 4.53 3.52
N VAL A 247 13.98 4.39 2.24
CA VAL A 247 14.27 5.53 1.36
C VAL A 247 12.91 6.17 1.02
N VAL A 248 11.90 5.33 0.72
CA VAL A 248 10.53 5.76 0.43
C VAL A 248 9.90 6.43 1.67
N ALA A 249 10.08 5.83 2.87
CA ALA A 249 9.56 6.37 4.13
C ALA A 249 10.06 7.80 4.39
N LEU A 250 11.28 8.12 3.93
CA LEU A 250 11.85 9.47 4.05
C LEU A 250 11.05 10.46 3.19
N GLY A 251 10.74 10.06 1.95
CA GLY A 251 9.94 10.85 1.02
C GLY A 251 8.54 11.14 1.54
N CYS A 252 7.95 10.16 2.30
CA CYS A 252 6.63 10.29 2.94
C CYS A 252 6.66 11.30 4.08
N GLY A 253 7.70 11.21 4.91
CA GLY A 253 7.93 12.11 6.04
C GLY A 253 8.07 13.54 5.59
N PHE A 254 8.86 13.77 4.52
CA PHE A 254 9.07 15.10 3.93
C PHE A 254 7.73 15.70 3.54
N VAL A 255 6.94 14.92 2.83
CA VAL A 255 5.64 15.28 2.32
C VAL A 255 4.58 15.52 3.43
N GLU A 256 4.62 14.72 4.51
CA GLU A 256 3.74 14.85 5.68
C GLU A 256 4.09 16.12 6.47
N GLY A 257 5.38 16.28 6.79
CA GLY A 257 5.94 17.43 7.51
C GLY A 257 5.68 18.77 6.86
N LEU A 258 5.57 18.77 5.51
CA LEU A 258 5.25 19.95 4.70
C LEU A 258 3.75 20.29 4.81
N GLY A 259 2.97 19.37 5.39
CA GLY A 259 1.53 19.53 5.58
C GLY A 259 0.69 19.13 4.38
N TRP A 260 1.23 18.26 3.51
CA TRP A 260 0.52 17.83 2.31
C TRP A 260 -0.50 16.70 2.53
N GLY A 261 -0.44 16.07 3.71
CA GLY A 261 -1.40 15.05 4.13
C GLY A 261 -1.19 13.65 3.63
N ASN A 262 -2.23 12.81 3.86
CA ASN A 262 -2.29 11.39 3.52
C ASN A 262 -2.24 11.08 2.03
N ASN A 263 -2.91 11.92 1.20
CA ASN A 263 -2.98 11.75 -0.26
C ASN A 263 -1.63 11.92 -0.92
N ALA A 264 -0.83 12.86 -0.41
CA ALA A 264 0.51 13.12 -0.91
C ALA A 264 1.45 12.00 -0.46
N SER A 265 1.26 11.50 0.78
CA SER A 265 2.03 10.39 1.34
C SER A 265 1.78 9.10 0.56
N ALA A 266 0.49 8.77 0.30
CA ALA A 266 0.05 7.60 -0.46
C ALA A 266 0.63 7.62 -1.88
N ALA A 267 0.76 8.82 -2.50
CA ALA A 267 1.35 9.04 -3.82
C ALA A 267 2.84 8.65 -3.82
N ILE A 268 3.61 9.03 -2.76
CA ILE A 268 5.03 8.67 -2.62
C ILE A 268 5.20 7.17 -2.42
N GLN A 269 4.27 6.55 -1.66
CA GLN A 269 4.25 5.10 -1.46
C GLN A 269 4.02 4.37 -2.78
N ARG A 270 3.13 4.89 -3.62
CA ARG A 270 2.83 4.32 -4.94
C ARG A 270 4.05 4.44 -5.86
N VAL A 271 4.67 5.64 -5.89
CA VAL A 271 5.86 5.90 -6.71
C VAL A 271 7.01 5.02 -6.20
N GLY A 272 7.16 4.96 -4.87
CA GLY A 272 8.17 4.18 -4.17
C GLY A 272 8.07 2.70 -4.46
N LEU A 273 6.85 2.13 -4.35
CA LEU A 273 6.59 0.72 -4.69
C LEU A 273 7.05 0.42 -6.13
N GLY A 274 6.72 1.32 -7.06
CA GLY A 274 7.12 1.19 -8.47
C GLY A 274 8.62 1.17 -8.64
N GLU A 275 9.34 2.00 -7.85
CA GLU A 275 10.81 2.08 -7.87
C GLU A 275 11.48 0.86 -7.25
N ILE A 276 10.86 0.24 -6.24
CA ILE A 276 11.32 -0.99 -5.59
C ILE A 276 11.19 -2.15 -6.60
N ILE A 277 10.06 -2.23 -7.33
CA ILE A 277 9.82 -3.26 -8.35
C ILE A 277 10.88 -3.13 -9.46
N ARG A 278 11.06 -1.90 -9.97
CA ARG A 278 11.99 -1.54 -11.03
C ARG A 278 13.42 -1.90 -10.64
N PHE A 279 13.83 -1.61 -9.38
CA PHE A 279 15.16 -1.91 -8.85
C PHE A 279 15.39 -3.41 -8.80
N GLY A 280 14.41 -4.14 -8.25
CA GLY A 280 14.47 -5.59 -8.12
C GLY A 280 14.67 -6.29 -9.45
N GLN A 281 13.83 -5.96 -10.44
CA GLN A 281 13.87 -6.59 -11.76
C GLN A 281 15.04 -6.17 -12.63
N MET A 282 15.63 -4.99 -12.36
CA MET A 282 16.80 -4.48 -13.07
C MET A 282 18.07 -5.19 -12.59
N PHE A 283 18.22 -5.36 -11.26
CA PHE A 283 19.40 -5.94 -10.63
C PHE A 283 19.29 -7.38 -10.15
N PHE A 284 18.07 -7.91 -10.09
CA PHE A 284 17.85 -9.33 -9.77
C PHE A 284 16.77 -9.94 -10.64
N PRO A 285 16.84 -9.64 -11.92
CA PRO A 285 15.85 -10.07 -12.91
C PRO A 285 15.13 -11.38 -12.69
N GLU A 286 15.59 -12.25 -11.80
CA GLU A 286 14.81 -13.44 -11.56
C GLU A 286 13.72 -13.15 -10.54
N SER A 287 13.52 -11.87 -10.26
CA SER A 287 12.58 -11.46 -9.25
C SER A 287 11.20 -11.28 -9.84
N ARG A 288 10.18 -11.73 -9.12
CA ARG A 288 8.82 -11.65 -9.65
C ARG A 288 8.18 -10.36 -9.17
N GLU A 289 7.48 -9.64 -10.07
CA GLU A 289 6.73 -8.41 -9.74
C GLU A 289 5.73 -8.68 -8.62
N GLU A 290 5.11 -9.88 -8.66
CA GLU A 290 4.10 -10.42 -7.75
C GLU A 290 4.51 -10.31 -6.30
N THR A 291 5.76 -10.64 -5.99
CA THR A 291 6.36 -10.60 -4.66
C THR A 291 6.17 -9.23 -3.98
N TYR A 292 6.42 -8.16 -4.74
CA TYR A 292 6.36 -6.78 -4.27
C TYR A 292 4.96 -6.30 -3.86
N TYR A 293 3.91 -6.69 -4.61
CA TYR A 293 2.55 -6.27 -4.29
C TYR A 293 1.67 -7.33 -3.61
N GLN A 294 2.06 -8.62 -3.67
CA GLN A 294 1.29 -9.72 -3.05
C GLN A 294 1.75 -10.11 -1.66
N GLU A 295 3.04 -9.85 -1.33
CA GLU A 295 3.62 -10.31 -0.07
C GLU A 295 3.83 -9.27 1.02
N SER A 296 3.86 -9.76 2.29
CA SER A 296 4.09 -8.97 3.49
C SER A 296 5.40 -8.19 3.39
N ALA A 297 6.44 -8.86 2.88
CA ALA A 297 7.79 -8.32 2.69
C ALA A 297 7.77 -7.10 1.75
N GLY A 298 6.85 -7.09 0.79
CA GLY A 298 6.68 -6.02 -0.18
C GLY A 298 5.81 -4.88 0.33
N VAL A 299 4.63 -4.72 -0.29
CA VAL A 299 3.64 -3.68 -0.03
C VAL A 299 3.31 -3.43 1.47
N ALA A 300 3.04 -4.51 2.24
CA ALA A 300 2.69 -4.39 3.66
C ALA A 300 3.84 -3.77 4.48
N ASP A 301 5.08 -4.21 4.22
CA ASP A 301 6.23 -3.66 4.92
C ASP A 301 6.47 -2.20 4.58
N LEU A 302 6.20 -1.82 3.31
CA LEU A 302 6.28 -0.44 2.85
C LEU A 302 5.22 0.41 3.60
N ILE A 303 3.95 -0.06 3.64
CA ILE A 303 2.85 0.62 4.29
C ILE A 303 3.15 0.91 5.77
N THR A 304 3.51 -0.12 6.54
CA THR A 304 3.82 0.04 7.96
C THR A 304 4.97 1.02 8.25
N THR A 305 6.03 0.96 7.43
CA THR A 305 7.23 1.80 7.54
C THR A 305 6.89 3.27 7.27
N CYS A 306 6.09 3.52 6.23
CA CYS A 306 5.66 4.85 5.86
C CYS A 306 4.60 5.43 6.81
N ALA A 307 3.86 4.56 7.54
CA ALA A 307 2.84 4.96 8.52
C ALA A 307 3.48 5.50 9.79
N GLY A 308 4.50 4.81 10.30
CA GLY A 308 5.21 5.18 11.52
C GLY A 308 6.53 4.45 11.66
N GLY A 309 7.53 5.15 12.17
CA GLY A 309 8.87 4.62 12.37
C GLY A 309 9.95 5.68 12.35
N ARG A 310 11.20 5.26 12.57
CA ARG A 310 12.40 6.13 12.65
C ARG A 310 12.61 7.00 11.41
N ASN A 311 12.56 6.39 10.23
CA ASN A 311 12.77 7.04 8.93
C ASN A 311 11.73 8.12 8.61
N VAL A 312 10.42 7.80 8.76
CA VAL A 312 9.33 8.75 8.52
C VAL A 312 9.36 9.91 9.53
N LYS A 313 9.62 9.61 10.83
CA LYS A 313 9.69 10.56 11.94
C LYS A 313 10.80 11.59 11.76
N VAL A 314 12.02 11.15 11.38
CA VAL A 314 13.18 12.03 11.15
C VAL A 314 12.89 12.99 9.99
N ALA A 315 12.40 12.43 8.86
CA ALA A 315 12.04 13.14 7.64
C ALA A 315 10.96 14.20 7.88
N ARG A 316 9.98 13.88 8.74
CA ARG A 316 8.87 14.75 9.14
C ARG A 316 9.41 15.97 9.91
N LEU A 317 10.38 15.74 10.82
CA LEU A 317 11.02 16.81 11.60
C LEU A 317 11.88 17.70 10.71
N MET A 318 12.59 17.11 9.72
CA MET A 318 13.42 17.83 8.74
C MET A 318 12.55 18.88 8.02
N ALA A 319 11.31 18.52 7.69
CA ALA A 319 10.34 19.39 7.03
C ALA A 319 9.74 20.43 8.00
N THR A 320 9.45 20.00 9.25
CA THR A 320 8.89 20.81 10.35
C THR A 320 9.86 21.92 10.79
N SER A 321 11.11 21.55 11.13
CA SER A 321 12.14 22.45 11.61
C SER A 321 12.96 23.12 10.49
N GLY A 322 13.66 22.30 9.72
CA GLY A 322 14.55 22.76 8.65
C GLY A 322 15.99 22.36 8.92
N LYS A 323 16.16 21.54 9.95
CA LYS A 323 17.47 21.12 10.37
C LYS A 323 17.86 20.02 9.45
N ASP A 324 19.11 19.60 9.50
CA ASP A 324 19.50 18.53 8.63
C ASP A 324 19.05 17.23 9.24
N ALA A 325 19.18 16.16 8.49
CA ALA A 325 18.82 14.86 8.97
C ALA A 325 19.35 14.58 10.34
N TRP A 326 20.68 14.51 10.44
CA TRP A 326 21.37 14.03 11.61
C TRP A 326 21.12 14.82 12.87
N GLU A 327 20.85 16.07 12.67
CA GLU A 327 20.43 16.98 13.73
C GLU A 327 19.06 16.48 14.24
N CYS A 328 18.19 16.05 13.30
CA CYS A 328 16.87 15.50 13.58
C CYS A 328 16.95 14.07 14.14
N GLU A 329 17.94 13.28 13.68
CA GLU A 329 18.24 11.90 14.10
C GLU A 329 18.62 11.86 15.58
N LYS A 330 19.43 12.84 16.03
CA LYS A 330 19.88 12.98 17.41
C LYS A 330 18.73 13.41 18.34
N GLU A 331 17.87 14.36 17.86
CA GLU A 331 16.74 14.92 18.59
C GLU A 331 15.63 13.92 18.93
N LEU A 332 15.38 12.94 18.05
CA LEU A 332 14.30 11.97 18.28
C LEU A 332 14.77 10.57 18.64
N LEU A 333 15.69 9.99 17.82
CA LEU A 333 16.11 8.60 17.97
C LEU A 333 17.19 8.32 19.02
N ASN A 334 17.75 9.37 19.64
CA ASN A 334 18.83 9.31 20.63
C ASN A 334 20.02 8.39 20.27
N GLY A 335 20.03 7.15 20.76
CA GLY A 335 21.09 6.19 20.47
C GLY A 335 20.76 5.24 19.35
N GLN A 336 19.91 5.67 18.40
CA GLN A 336 19.45 4.89 17.25
C GLN A 336 19.56 5.66 15.93
N SER A 337 19.63 4.94 14.80
CA SER A 337 19.76 5.54 13.48
C SER A 337 18.61 5.23 12.53
N ALA A 338 18.30 6.18 11.64
CA ALA A 338 17.30 6.01 10.58
C ALA A 338 18.09 5.47 9.38
N GLN A 339 18.02 4.16 9.18
CA GLN A 339 18.84 3.50 8.16
C GLN A 339 18.72 4.14 6.79
N GLY A 340 17.49 4.50 6.41
CA GLY A 340 17.20 5.07 5.09
C GLY A 340 18.13 6.20 4.67
N LEU A 341 18.70 6.92 5.65
CA LEU A 341 19.65 8.02 5.47
C LEU A 341 20.92 7.51 4.76
N ILE A 342 21.41 6.32 5.17
CA ILE A 342 22.58 5.67 4.59
C ILE A 342 22.20 5.02 3.25
N THR A 343 21.08 4.29 3.22
CA THR A 343 20.57 3.58 2.04
C THR A 343 20.39 4.47 0.81
N CYS A 344 19.79 5.68 0.97
CA CYS A 344 19.60 6.60 -0.15
C CYS A 344 20.93 7.04 -0.80
N LYS A 345 22.02 7.08 0.00
CA LYS A 345 23.37 7.40 -0.45
C LYS A 345 23.95 6.18 -1.18
N GLU A 346 23.84 4.98 -0.57
CA GLU A 346 24.34 3.68 -1.07
C GLU A 346 23.68 3.30 -2.41
N VAL A 347 22.35 3.52 -2.54
CA VAL A 347 21.58 3.25 -3.77
C VAL A 347 22.08 4.19 -4.86
N HIS A 348 22.22 5.50 -4.54
CA HIS A 348 22.71 6.54 -5.44
C HIS A 348 24.09 6.19 -5.99
N GLU A 349 25.01 5.71 -5.12
CA GLU A 349 26.37 5.32 -5.50
C GLU A 349 26.36 4.14 -6.47
N TRP A 350 25.51 3.12 -6.20
CA TRP A 350 25.33 1.95 -7.06
C TRP A 350 24.78 2.36 -8.42
N LEU A 351 23.79 3.27 -8.43
CA LEU A 351 23.16 3.77 -9.66
C LEU A 351 24.09 4.64 -10.50
N GLU A 352 25.02 5.37 -9.86
CA GLU A 352 26.04 6.18 -10.54
C GLU A 352 27.02 5.28 -11.28
N THR A 353 27.43 4.15 -10.67
CA THR A 353 28.35 3.18 -11.29
C THR A 353 27.67 2.35 -12.40
N CYS A 354 26.33 2.30 -12.39
CA CYS A 354 25.48 1.61 -13.37
C CYS A 354 25.06 2.55 -14.49
N GLY A 355 24.96 3.84 -14.18
CA GLY A 355 24.49 4.87 -15.09
C GLY A 355 22.98 4.78 -15.21
N SER A 356 22.31 4.47 -14.08
CA SER A 356 20.86 4.27 -13.98
C SER A 356 20.16 5.20 -12.94
N VAL A 357 20.76 6.38 -12.68
CA VAL A 357 20.24 7.37 -11.73
C VAL A 357 18.89 7.96 -12.20
N GLU A 358 18.78 8.26 -13.52
CA GLU A 358 17.58 8.80 -14.16
C GLU A 358 16.34 7.91 -14.01
N ASP A 359 16.55 6.58 -13.95
CA ASP A 359 15.48 5.57 -13.82
C ASP A 359 14.78 5.58 -12.48
N PHE A 360 15.42 6.15 -11.44
CA PHE A 360 14.83 6.17 -10.10
C PHE A 360 14.72 7.61 -9.53
N PRO A 361 13.85 8.48 -10.11
CA PRO A 361 13.75 9.87 -9.62
C PRO A 361 13.41 10.06 -8.13
N LEU A 362 12.57 9.18 -7.52
CA LEU A 362 12.23 9.29 -6.09
C LEU A 362 13.43 8.98 -5.21
N PHE A 363 14.15 7.87 -5.50
CA PHE A 363 15.38 7.48 -4.78
C PHE A 363 16.41 8.60 -4.90
N GLU A 364 16.53 9.20 -6.10
CA GLU A 364 17.45 10.32 -6.35
C GLU A 364 17.04 11.57 -5.58
N ALA A 365 15.73 11.91 -5.60
CA ALA A 365 15.15 13.07 -4.91
C ALA A 365 15.41 13.03 -3.41
N VAL A 366 15.18 11.87 -2.75
CA VAL A 366 15.42 11.65 -1.33
C VAL A 366 16.91 11.91 -1.02
N TYR A 367 17.80 11.32 -1.80
CA TYR A 367 19.21 11.57 -1.68
C TYR A 367 19.55 13.05 -1.69
N GLN A 368 19.17 13.69 -2.79
CA GLN A 368 19.47 15.10 -3.05
C GLN A 368 19.01 16.03 -1.92
N ILE A 369 17.86 15.72 -1.30
CA ILE A 369 17.29 16.49 -0.18
C ILE A 369 18.14 16.29 1.08
N VAL A 370 18.42 15.02 1.42
CA VAL A 370 19.19 14.58 2.60
C VAL A 370 20.65 15.07 2.60
N TYR A 371 21.41 14.77 1.54
CA TYR A 371 22.83 15.09 1.45
C TYR A 371 23.16 16.47 0.96
N ASN A 372 22.55 16.89 -0.15
CA ASN A 372 22.75 18.22 -0.67
C ASN A 372 21.62 19.10 -0.10
N ASN A 373 21.35 20.27 -0.61
CA ASN A 373 20.30 21.03 0.04
C ASN A 373 19.13 21.33 -0.84
N TYR A 374 18.63 20.28 -1.48
CA TYR A 374 17.50 20.34 -2.40
C TYR A 374 16.20 20.77 -1.72
N PRO A 375 15.52 21.79 -2.31
CA PRO A 375 14.33 22.40 -1.66
C PRO A 375 13.22 21.62 -0.96
N MET A 376 13.07 20.30 -1.20
CA MET A 376 12.05 19.43 -0.57
C MET A 376 10.64 19.68 -1.12
N LYS A 377 10.27 20.96 -1.34
CA LYS A 377 8.98 21.37 -1.91
C LYS A 377 8.93 21.00 -3.41
N ASN A 378 10.12 20.80 -4.03
CA ASN A 378 10.29 20.45 -5.43
C ASN A 378 10.08 18.96 -5.72
N LEU A 379 9.83 18.15 -4.67
CA LEU A 379 9.58 16.71 -4.75
C LEU A 379 8.60 16.30 -5.88
N PRO A 380 7.38 16.92 -6.01
CA PRO A 380 6.50 16.57 -7.15
C PRO A 380 7.12 16.78 -8.54
N ASP A 381 7.86 17.89 -8.73
CA ASP A 381 8.54 18.23 -9.99
C ASP A 381 9.66 17.24 -10.31
N MET A 382 10.36 16.74 -9.28
CA MET A 382 11.47 15.79 -9.40
C MET A 382 11.01 14.41 -9.85
N ILE A 383 9.84 13.97 -9.36
CA ILE A 383 9.26 12.66 -9.66
C ILE A 383 8.26 12.67 -10.85
N GLU A 384 7.85 13.87 -11.30
CA GLU A 384 6.91 14.11 -12.39
C GLU A 384 7.30 13.33 -13.66
N GLU A 385 6.33 12.59 -14.20
CA GLU A 385 6.42 11.73 -15.37
C GLU A 385 5.84 12.44 -16.60
N LYS B 33 -13.20 22.88 -34.22
CA LYS B 33 -11.83 22.37 -34.17
C LYS B 33 -11.30 22.18 -32.73
N PRO B 34 -11.19 23.22 -31.84
CA PRO B 34 -10.72 22.94 -30.46
C PRO B 34 -11.82 22.27 -29.64
N PHE B 35 -11.45 21.57 -28.57
CA PHE B 35 -12.40 20.84 -27.73
C PHE B 35 -13.10 21.67 -26.68
N LYS B 36 -14.44 21.74 -26.78
CA LYS B 36 -15.30 22.44 -25.82
C LYS B 36 -15.59 21.47 -24.67
N VAL B 37 -15.28 21.88 -23.43
CA VAL B 37 -15.45 21.02 -22.24
C VAL B 37 -16.57 21.50 -21.32
N THR B 38 -17.45 20.56 -20.90
CA THR B 38 -18.54 20.81 -19.96
C THR B 38 -18.47 19.83 -18.79
N VAL B 39 -18.64 20.34 -17.57
CA VAL B 39 -18.65 19.57 -16.34
C VAL B 39 -20.09 19.52 -15.81
N ILE B 40 -20.61 18.33 -15.62
CA ILE B 40 -21.94 18.19 -15.12
C ILE B 40 -21.97 17.85 -13.63
N GLY B 41 -22.03 18.83 -12.75
CA GLY B 41 -22.17 18.55 -11.33
C GLY B 41 -22.03 19.63 -10.29
N SER B 42 -21.02 20.48 -10.42
CA SER B 42 -20.93 21.67 -9.58
C SER B 42 -20.75 21.51 -8.06
N GLY B 43 -20.72 20.30 -7.53
CA GLY B 43 -20.53 20.12 -6.10
C GLY B 43 -19.12 20.39 -5.58
N ASN B 44 -18.74 19.71 -4.52
CA ASN B 44 -17.37 19.69 -4.07
C ASN B 44 -16.39 19.35 -5.18
N TRP B 45 -16.45 18.10 -5.58
CA TRP B 45 -15.60 17.50 -6.60
C TRP B 45 -15.84 18.09 -7.98
N GLY B 46 -17.12 18.39 -8.27
CA GLY B 46 -17.56 18.99 -9.53
C GLY B 46 -16.93 20.33 -9.82
N THR B 47 -16.96 21.26 -8.83
CA THR B 47 -16.38 22.61 -8.94
C THR B 47 -14.86 22.54 -9.03
N THR B 48 -14.29 21.61 -8.29
CA THR B 48 -12.86 21.45 -8.21
C THR B 48 -12.23 20.93 -9.50
N ILE B 49 -12.85 19.98 -10.17
CA ILE B 49 -12.21 19.60 -11.41
C ILE B 49 -12.54 20.61 -12.46
N ALA B 50 -13.74 21.17 -12.41
CA ALA B 50 -14.06 22.23 -13.37
C ALA B 50 -13.01 23.35 -13.33
N LYS B 51 -12.40 23.58 -12.17
CA LYS B 51 -11.32 24.56 -12.07
C LYS B 51 -10.06 24.01 -12.73
N VAL B 52 -9.75 22.76 -12.41
CA VAL B 52 -8.61 22.04 -12.98
C VAL B 52 -8.68 22.10 -14.53
N VAL B 53 -9.87 21.80 -15.08
CA VAL B 53 -10.16 21.80 -16.52
C VAL B 53 -10.08 23.22 -17.12
N ALA B 54 -10.67 24.24 -16.43
CA ALA B 54 -10.62 25.65 -16.88
C ALA B 54 -9.20 26.21 -16.92
N GLU B 55 -8.32 25.71 -16.07
CA GLU B 55 -6.95 26.16 -16.00
C GLU B 55 -6.08 25.57 -17.09
N ASN B 56 -6.43 24.40 -17.51
CA ASN B 56 -5.80 23.75 -18.64
C ASN B 56 -6.30 24.23 -20.01
N CYS B 57 -7.62 24.59 -20.10
CA CYS B 57 -8.22 25.12 -21.33
C CYS B 57 -7.55 26.45 -21.69
N LYS B 58 -7.25 27.28 -20.66
CA LYS B 58 -6.52 28.55 -20.79
C LYS B 58 -5.05 28.26 -21.14
N GLY B 59 -4.52 27.15 -20.60
CA GLY B 59 -3.16 26.68 -20.81
C GLY B 59 -2.90 26.04 -22.16
N TYR B 60 -3.96 25.61 -22.82
CA TYR B 60 -3.79 25.03 -24.13
C TYR B 60 -4.87 25.50 -25.11
N PRO B 61 -4.68 26.70 -25.63
CA PRO B 61 -5.68 27.30 -26.54
C PRO B 61 -5.80 26.67 -27.94
N GLU B 62 -4.77 25.91 -28.36
CA GLU B 62 -4.72 25.22 -29.65
C GLU B 62 -5.41 23.84 -29.59
N VAL B 63 -5.68 23.35 -28.36
CA VAL B 63 -6.29 22.06 -28.09
C VAL B 63 -7.74 22.20 -27.59
N PHE B 64 -7.96 23.06 -26.58
CA PHE B 64 -9.28 23.24 -25.99
C PHE B 64 -9.84 24.64 -26.17
N ALA B 65 -11.18 24.74 -26.24
CA ALA B 65 -11.93 26.01 -26.35
C ALA B 65 -11.66 26.84 -25.07
N PRO B 66 -11.65 28.19 -25.14
CA PRO B 66 -11.31 28.97 -23.94
C PRO B 66 -12.21 28.80 -22.72
N ILE B 67 -13.55 28.75 -22.95
CA ILE B 67 -14.57 28.67 -21.90
C ILE B 67 -14.96 27.23 -21.55
N VAL B 68 -15.08 26.97 -20.23
CA VAL B 68 -15.53 25.70 -19.63
C VAL B 68 -16.89 25.95 -19.00
N GLN B 69 -17.90 25.18 -19.41
CA GLN B 69 -19.26 25.28 -18.87
C GLN B 69 -19.43 24.28 -17.72
N MET B 70 -20.12 24.71 -16.66
CA MET B 70 -20.39 23.86 -15.51
C MET B 70 -21.88 23.87 -15.20
N TRP B 71 -22.55 22.70 -15.31
CA TRP B 71 -23.96 22.62 -15.00
C TRP B 71 -24.20 22.70 -13.50
N VAL B 72 -24.91 23.76 -13.07
CA VAL B 72 -25.25 24.02 -11.68
C VAL B 72 -26.76 23.90 -11.54
N PHE B 73 -27.24 23.00 -10.64
CA PHE B 73 -28.67 22.87 -10.36
C PHE B 73 -29.03 24.14 -9.59
N GLU B 74 -29.83 25.01 -10.21
CA GLU B 74 -30.21 26.31 -9.66
C GLU B 74 -30.78 26.29 -8.25
N GLU B 75 -30.14 27.09 -7.38
CA GLU B 75 -30.46 27.32 -5.97
C GLU B 75 -30.20 28.79 -5.67
N GLU B 76 -30.92 29.35 -4.67
CA GLU B 76 -30.70 30.75 -4.30
C GLU B 76 -30.29 30.95 -2.84
N ILE B 77 -29.08 31.51 -2.64
CA ILE B 77 -28.52 31.82 -1.33
C ILE B 77 -28.79 33.30 -1.05
N ASN B 78 -29.61 33.57 0.00
CA ASN B 78 -30.04 34.91 0.42
C ASN B 78 -30.81 35.66 -0.70
N GLY B 79 -31.52 34.89 -1.52
CA GLY B 79 -32.29 35.39 -2.65
C GLY B 79 -31.46 35.77 -3.86
N GLU B 80 -30.24 35.21 -3.95
CA GLU B 80 -29.29 35.46 -5.05
C GLU B 80 -28.95 34.14 -5.75
N LYS B 81 -29.05 34.12 -7.09
CA LYS B 81 -28.78 32.94 -7.93
C LYS B 81 -27.32 32.49 -7.80
N LEU B 82 -27.10 31.21 -7.46
CA LEU B 82 -25.77 30.61 -7.29
C LEU B 82 -24.94 30.68 -8.58
N THR B 83 -25.59 30.48 -9.75
CA THR B 83 -24.98 30.56 -11.08
C THR B 83 -24.34 31.92 -11.36
N GLU B 84 -24.98 33.00 -10.88
CA GLU B 84 -24.51 34.38 -11.06
C GLU B 84 -23.46 34.80 -10.03
N ILE B 85 -23.46 34.16 -8.84
CA ILE B 85 -22.47 34.37 -7.76
C ILE B 85 -21.11 33.86 -8.29
N ILE B 86 -21.12 32.71 -8.99
CA ILE B 86 -19.95 32.08 -9.60
C ILE B 86 -19.49 32.90 -10.82
N ASN B 87 -20.42 33.41 -11.66
CA ASN B 87 -20.08 34.22 -12.83
C ASN B 87 -19.67 35.67 -12.48
N THR B 88 -18.85 35.81 -11.40
CA THR B 88 -18.29 37.00 -10.72
C THR B 88 -19.03 37.21 -9.38
N ARG B 89 -18.37 37.13 -8.19
CA ARG B 89 -16.93 37.12 -7.89
C ARG B 89 -16.12 35.81 -7.99
N HIS B 90 -16.58 34.82 -8.78
CA HIS B 90 -15.91 33.53 -9.04
C HIS B 90 -15.61 32.67 -7.79
N GLN B 91 -16.69 32.30 -7.08
CA GLN B 91 -16.63 31.47 -5.88
C GLN B 91 -17.92 30.69 -5.70
N ASN B 92 -17.83 29.36 -5.51
CA ASN B 92 -18.99 28.51 -5.24
C ASN B 92 -19.18 28.58 -3.73
N VAL B 93 -19.75 29.71 -3.27
CA VAL B 93 -19.99 30.07 -1.88
C VAL B 93 -20.57 28.97 -0.97
N LYS B 94 -21.39 28.07 -1.54
CA LYS B 94 -22.04 26.99 -0.79
C LYS B 94 -21.23 25.68 -0.79
N TYR B 95 -20.79 25.21 -1.97
CA TYR B 95 -20.10 23.92 -2.10
C TYR B 95 -18.57 23.91 -2.07
N LEU B 96 -17.93 25.05 -2.35
CA LEU B 96 -16.47 25.17 -2.32
C LEU B 96 -16.06 26.60 -1.86
N PRO B 97 -16.32 26.96 -0.56
CA PRO B 97 -16.00 28.33 -0.11
C PRO B 97 -14.52 28.66 0.01
N GLY B 98 -14.19 29.92 -0.30
CA GLY B 98 -12.83 30.46 -0.23
C GLY B 98 -11.93 30.13 -1.42
N ILE B 99 -12.45 29.39 -2.40
CA ILE B 99 -11.68 28.99 -3.59
C ILE B 99 -12.01 29.86 -4.78
N THR B 100 -11.02 30.65 -5.23
CA THR B 100 -11.15 31.55 -6.38
C THR B 100 -11.11 30.70 -7.66
N LEU B 101 -12.16 30.84 -8.48
CA LEU B 101 -12.30 30.13 -9.75
C LEU B 101 -11.71 30.97 -10.89
N PRO B 102 -11.05 30.34 -11.91
CA PRO B 102 -10.37 31.11 -12.98
C PRO B 102 -10.93 32.44 -13.51
N ASP B 103 -11.77 32.38 -14.56
CA ASP B 103 -12.40 33.49 -15.26
C ASP B 103 -13.26 32.87 -16.37
N ASN B 104 -12.70 31.82 -17.01
CA ASN B 104 -13.30 31.05 -18.09
C ASN B 104 -14.21 29.90 -17.60
N LEU B 105 -14.37 29.75 -16.27
CA LEU B 105 -15.26 28.76 -15.69
C LEU B 105 -16.64 29.40 -15.50
N VAL B 106 -17.56 29.13 -16.44
CA VAL B 106 -18.91 29.68 -16.46
C VAL B 106 -19.96 28.67 -15.96
N ALA B 107 -20.76 29.09 -14.97
CA ALA B 107 -21.84 28.30 -14.37
C ALA B 107 -23.09 28.40 -15.26
N ASN B 108 -23.77 27.26 -15.48
CA ASN B 108 -24.96 27.21 -16.32
C ASN B 108 -26.13 26.47 -15.63
N PRO B 109 -27.31 27.10 -15.47
CA PRO B 109 -28.43 26.40 -14.80
C PRO B 109 -29.19 25.41 -15.68
N ASP B 110 -29.03 25.52 -17.02
CA ASP B 110 -29.69 24.67 -18.01
C ASP B 110 -28.77 23.54 -18.46
N LEU B 111 -29.19 22.29 -18.22
CA LEU B 111 -28.46 21.07 -18.56
C LEU B 111 -28.19 20.93 -20.07
N ILE B 112 -29.20 21.19 -20.90
CA ILE B 112 -29.10 21.11 -22.37
C ILE B 112 -28.20 22.24 -22.94
N ASP B 113 -28.34 23.48 -22.42
CA ASP B 113 -27.54 24.64 -22.87
C ASP B 113 -26.03 24.49 -22.56
N SER B 114 -25.69 23.81 -21.45
CA SER B 114 -24.30 23.56 -21.07
C SER B 114 -23.65 22.54 -22.01
N VAL B 115 -24.47 21.64 -22.56
CA VAL B 115 -24.09 20.56 -23.47
C VAL B 115 -24.11 21.03 -24.97
N LYS B 116 -24.64 22.25 -25.26
CA LYS B 116 -24.72 22.85 -26.61
C LYS B 116 -23.40 22.68 -27.39
N ASP B 117 -23.40 21.69 -28.30
CA ASP B 117 -22.28 21.25 -29.14
C ASP B 117 -20.94 21.05 -28.43
N VAL B 118 -21.00 20.38 -27.27
CA VAL B 118 -19.85 20.03 -26.44
C VAL B 118 -19.05 18.90 -27.10
N ASP B 119 -17.76 18.79 -26.75
CA ASP B 119 -16.90 17.72 -27.26
C ASP B 119 -16.60 16.74 -26.13
N ILE B 120 -16.26 17.26 -24.94
CA ILE B 120 -15.92 16.45 -23.76
C ILE B 120 -16.84 16.75 -22.58
N ILE B 121 -17.52 15.71 -22.06
CA ILE B 121 -18.38 15.83 -20.87
C ILE B 121 -17.66 15.17 -19.67
N VAL B 122 -17.50 15.93 -18.58
CA VAL B 122 -16.89 15.44 -17.35
C VAL B 122 -18.04 15.26 -16.35
N PHE B 123 -18.40 13.99 -16.06
CA PHE B 123 -19.49 13.63 -15.17
C PHE B 123 -19.04 13.62 -13.71
N ASN B 124 -19.56 14.58 -12.93
CA ASN B 124 -19.21 14.74 -11.53
C ASN B 124 -20.41 15.10 -10.62
N ILE B 125 -21.37 14.16 -10.54
CA ILE B 125 -22.58 14.27 -9.71
C ILE B 125 -22.65 13.06 -8.76
N PRO B 126 -23.39 13.11 -7.61
CA PRO B 126 -23.51 11.90 -6.79
C PRO B 126 -24.25 10.80 -7.56
N HIS B 127 -23.88 9.54 -7.29
CA HIS B 127 -24.37 8.30 -7.90
C HIS B 127 -25.90 8.20 -8.03
N GLN B 128 -26.63 8.69 -7.04
CA GLN B 128 -28.10 8.70 -7.01
C GLN B 128 -28.73 9.64 -8.05
N PHE B 129 -27.94 10.56 -8.59
CA PHE B 129 -28.42 11.52 -9.57
C PHE B 129 -28.12 11.15 -11.01
N LEU B 130 -27.27 10.16 -11.21
CA LEU B 130 -26.90 9.66 -12.53
C LEU B 130 -28.12 9.23 -13.37
N PRO B 131 -29.09 8.44 -12.86
CA PRO B 131 -30.29 8.11 -13.67
C PRO B 131 -31.10 9.33 -14.12
N ARG B 132 -31.15 10.40 -13.29
CA ARG B 132 -31.87 11.65 -13.62
C ARG B 132 -31.19 12.39 -14.77
N ILE B 133 -29.87 12.65 -14.63
CA ILE B 133 -29.01 13.35 -15.58
C ILE B 133 -29.01 12.67 -16.95
N CYS B 134 -28.92 11.32 -16.96
CA CYS B 134 -28.93 10.51 -18.18
C CYS B 134 -30.25 10.54 -18.91
N SER B 135 -31.37 10.41 -18.17
CA SER B 135 -32.74 10.46 -18.70
C SER B 135 -33.04 11.83 -19.31
N GLN B 136 -32.49 12.90 -18.71
CA GLN B 136 -32.66 14.29 -19.16
C GLN B 136 -31.73 14.61 -20.34
N LEU B 137 -30.59 13.91 -20.48
CA LEU B 137 -29.66 14.15 -21.58
C LEU B 137 -29.96 13.30 -22.82
N LYS B 138 -30.76 12.22 -22.68
CA LYS B 138 -31.17 11.34 -23.78
C LYS B 138 -31.75 12.15 -24.96
N GLY B 139 -31.09 12.03 -26.12
CA GLY B 139 -31.47 12.72 -27.34
C GLY B 139 -31.06 14.19 -27.38
N HIS B 140 -30.08 14.58 -26.53
CA HIS B 140 -29.59 15.96 -26.44
C HIS B 140 -28.08 16.06 -26.44
N VAL B 141 -27.36 14.92 -26.43
CA VAL B 141 -25.91 14.95 -26.40
C VAL B 141 -25.20 15.00 -27.77
N ASP B 142 -25.03 13.86 -28.45
CA ASP B 142 -24.16 13.76 -29.64
C ASP B 142 -23.32 12.43 -29.72
N SER B 143 -23.43 11.65 -30.80
CA SER B 143 -22.62 10.44 -31.01
C SER B 143 -21.10 10.67 -30.92
N HIS B 144 -20.62 11.85 -31.37
CA HIS B 144 -19.21 12.24 -31.38
C HIS B 144 -18.64 12.53 -29.99
N VAL B 145 -19.52 12.93 -29.05
CA VAL B 145 -19.15 13.30 -27.69
C VAL B 145 -18.50 12.12 -26.95
N ARG B 146 -17.41 12.42 -26.24
CA ARG B 146 -16.66 11.49 -25.42
C ARG B 146 -16.79 11.99 -23.99
N ALA B 147 -16.89 11.09 -23.02
CA ALA B 147 -17.08 11.48 -21.63
C ALA B 147 -16.09 10.86 -20.66
N ILE B 148 -15.99 11.46 -19.46
CA ILE B 148 -15.16 11.01 -18.34
C ILE B 148 -16.05 11.05 -17.09
N SER B 149 -16.10 9.93 -16.35
CA SER B 149 -16.88 9.76 -15.12
C SER B 149 -15.98 9.88 -13.89
N CYS B 150 -16.26 10.86 -13.03
CA CYS B 150 -15.52 11.10 -11.78
C CYS B 150 -16.19 10.40 -10.62
N LEU B 151 -17.28 9.65 -10.90
CA LEU B 151 -18.07 8.89 -9.94
C LEU B 151 -17.26 7.69 -9.48
N LYS B 152 -16.87 7.68 -8.19
CA LYS B 152 -16.05 6.63 -7.58
C LYS B 152 -16.84 5.37 -7.31
N GLY B 153 -16.23 4.24 -7.59
CA GLY B 153 -16.91 2.96 -7.39
C GLY B 153 -17.67 2.51 -8.61
N PHE B 154 -18.57 1.56 -8.39
CA PHE B 154 -19.34 0.90 -9.43
C PHE B 154 -20.62 0.37 -8.80
N GLU B 155 -21.51 -0.14 -9.62
CA GLU B 155 -22.74 -0.69 -9.17
C GLU B 155 -22.57 -2.15 -8.89
N VAL B 156 -22.93 -2.55 -7.69
CA VAL B 156 -22.79 -3.94 -7.22
C VAL B 156 -23.98 -4.30 -6.33
N GLY B 157 -24.51 -5.50 -6.54
CA GLY B 157 -25.63 -6.03 -5.78
C GLY B 157 -25.94 -7.45 -6.20
N ALA B 158 -27.03 -8.01 -5.66
CA ALA B 158 -27.49 -9.38 -5.93
C ALA B 158 -27.75 -9.66 -7.41
N LYS B 159 -28.27 -8.67 -8.16
CA LYS B 159 -28.61 -8.80 -9.59
C LYS B 159 -27.43 -8.75 -10.57
N GLY B 160 -26.32 -8.12 -10.18
CA GLY B 160 -25.15 -8.01 -11.03
C GLY B 160 -24.19 -6.87 -10.71
N VAL B 161 -23.15 -6.75 -11.54
CA VAL B 161 -22.12 -5.71 -11.44
C VAL B 161 -22.15 -4.84 -12.68
N GLN B 162 -22.01 -3.53 -12.48
CA GLN B 162 -21.98 -2.59 -13.60
C GLN B 162 -21.17 -1.35 -13.31
N LEU B 163 -20.34 -0.96 -14.27
CA LEU B 163 -19.57 0.27 -14.20
C LEU B 163 -20.53 1.41 -14.53
N LEU B 164 -20.42 2.52 -13.80
CA LEU B 164 -21.25 3.71 -13.95
C LEU B 164 -20.97 4.38 -15.29
N SER B 165 -19.73 4.23 -15.76
CA SER B 165 -19.23 4.69 -17.06
C SER B 165 -19.94 3.93 -18.19
N SER B 166 -20.27 2.63 -17.96
CA SER B 166 -20.98 1.77 -18.91
C SER B 166 -22.48 2.12 -18.94
N TYR B 167 -23.05 2.55 -17.79
CA TYR B 167 -24.45 2.98 -17.69
C TYR B 167 -24.61 4.22 -18.55
N ILE B 168 -23.65 5.18 -18.46
CA ILE B 168 -23.62 6.42 -19.25
C ILE B 168 -23.59 6.08 -20.74
N THR B 169 -22.72 5.15 -21.15
CA THR B 169 -22.57 4.69 -22.54
C THR B 169 -23.86 4.02 -23.03
N GLU B 170 -24.49 3.20 -22.23
CA GLU B 170 -25.68 2.59 -22.76
C GLU B 170 -26.97 3.39 -22.60
N GLU B 171 -26.89 4.54 -21.95
CA GLU B 171 -28.03 5.42 -21.89
C GLU B 171 -27.82 6.70 -22.68
N LEU B 172 -26.61 6.96 -23.10
CA LEU B 172 -26.35 8.11 -23.97
C LEU B 172 -25.73 7.79 -25.34
N GLY B 173 -25.13 6.61 -25.48
CA GLY B 173 -24.48 6.16 -26.72
C GLY B 173 -23.13 6.80 -26.94
N ILE B 174 -22.53 7.36 -25.89
CA ILE B 174 -21.24 8.04 -25.94
C ILE B 174 -20.14 7.24 -25.23
N GLN B 175 -18.89 7.31 -25.75
CA GLN B 175 -17.73 6.65 -25.13
C GLN B 175 -17.48 7.30 -23.78
N CYS B 176 -17.21 6.50 -22.73
CA CYS B 176 -17.03 7.02 -21.37
C CYS B 176 -15.97 6.33 -20.56
N GLY B 177 -15.02 7.12 -20.07
CA GLY B 177 -13.92 6.68 -19.23
C GLY B 177 -14.16 6.97 -17.76
N ALA B 178 -13.08 7.05 -16.97
CA ALA B 178 -13.16 7.31 -15.53
C ALA B 178 -11.95 8.05 -14.99
N LEU B 179 -12.17 8.84 -13.93
CA LEU B 179 -11.16 9.61 -13.21
C LEU B 179 -11.28 9.21 -11.74
N SER B 180 -10.22 8.62 -11.16
CA SER B 180 -10.19 8.20 -9.76
C SER B 180 -8.74 8.09 -9.24
N GLY B 181 -8.56 8.44 -7.97
CA GLY B 181 -7.25 8.40 -7.34
C GLY B 181 -7.28 8.83 -5.88
N ALA B 182 -6.12 8.78 -5.22
CA ALA B 182 -5.98 9.17 -3.83
C ALA B 182 -6.03 10.69 -3.75
N ASN B 183 -7.27 11.23 -3.73
CA ASN B 183 -7.54 12.67 -3.72
C ASN B 183 -8.87 13.01 -3.06
N ILE B 184 -8.93 14.24 -2.49
CA ILE B 184 -10.09 14.86 -1.84
C ILE B 184 -10.27 16.22 -2.54
N ALA B 185 -11.51 16.57 -2.91
CA ALA B 185 -11.86 17.84 -3.57
C ALA B 185 -11.23 19.06 -2.90
N THR B 186 -11.37 19.14 -1.56
CA THR B 186 -10.86 20.21 -0.69
C THR B 186 -9.35 20.46 -0.85
N GLU B 187 -8.55 19.38 -0.93
CA GLU B 187 -7.11 19.47 -1.08
C GLU B 187 -6.69 19.84 -2.49
N VAL B 188 -7.33 19.25 -3.52
CA VAL B 188 -7.07 19.56 -4.95
C VAL B 188 -7.38 21.05 -5.21
N ALA B 189 -8.51 21.56 -4.66
CA ALA B 189 -8.95 22.95 -4.78
C ALA B 189 -7.94 23.91 -4.15
N GLN B 190 -7.39 23.54 -2.99
CA GLN B 190 -6.37 24.33 -2.33
C GLN B 190 -4.99 24.14 -2.89
N GLU B 191 -4.93 23.39 -3.97
CA GLU B 191 -3.70 23.12 -4.74
C GLU B 191 -2.65 22.36 -3.94
N HIS B 192 -3.12 21.54 -3.01
CA HIS B 192 -2.25 20.66 -2.29
C HIS B 192 -1.93 19.46 -3.18
N TRP B 193 -0.65 19.15 -3.29
CA TRP B 193 -0.22 18.08 -4.17
C TRP B 193 -0.77 16.68 -3.89
N SER B 194 -1.37 16.09 -4.92
CA SER B 194 -1.92 14.73 -4.93
C SER B 194 -1.88 14.23 -6.38
N GLU B 195 -2.35 13.00 -6.61
CA GLU B 195 -2.38 12.39 -7.92
C GLU B 195 -3.77 11.84 -8.26
N THR B 196 -3.98 11.51 -9.54
CA THR B 196 -5.17 10.84 -10.04
C THR B 196 -4.83 10.00 -11.24
N THR B 197 -5.64 8.96 -11.46
CA THR B 197 -5.59 8.12 -12.64
C THR B 197 -6.81 8.52 -13.49
N VAL B 198 -6.61 8.58 -14.81
CA VAL B 198 -7.65 8.85 -15.79
C VAL B 198 -7.57 7.64 -16.70
N ALA B 199 -8.66 6.88 -16.81
CA ALA B 199 -8.74 5.68 -17.65
C ALA B 199 -9.73 5.89 -18.77
N TYR B 200 -9.37 5.50 -19.99
CA TYR B 200 -10.21 5.65 -21.18
C TYR B 200 -9.76 4.68 -22.26
N HIS B 201 -10.70 3.89 -22.78
CA HIS B 201 -10.42 2.98 -23.89
C HIS B 201 -10.69 3.78 -25.15
N ILE B 202 -9.66 3.92 -26.01
CA ILE B 202 -9.79 4.61 -27.29
C ILE B 202 -10.80 3.79 -28.11
N PRO B 203 -11.90 4.42 -28.60
CA PRO B 203 -12.92 3.64 -29.33
C PRO B 203 -12.60 3.38 -30.81
N LYS B 204 -13.45 2.59 -31.44
CA LYS B 204 -13.34 2.30 -32.85
C LYS B 204 -13.62 3.55 -33.66
N ASP B 205 -14.62 4.31 -33.24
CA ASP B 205 -15.00 5.49 -34.02
C ASP B 205 -14.10 6.68 -33.84
N PHE B 206 -12.94 6.42 -33.30
CA PHE B 206 -11.81 7.36 -33.25
C PHE B 206 -11.31 7.85 -34.62
N ARG B 207 -10.94 9.15 -34.68
CA ARG B 207 -10.38 9.77 -35.89
C ARG B 207 -9.40 10.55 -35.01
N GLY B 208 -8.10 10.42 -35.26
CA GLY B 208 -7.08 11.17 -34.52
C GLY B 208 -6.61 12.59 -34.71
N GLU B 209 -6.03 13.17 -33.63
CA GLU B 209 -5.44 14.52 -33.51
C GLU B 209 -6.34 15.70 -33.89
N GLY B 210 -6.53 16.61 -32.94
CA GLY B 210 -7.35 17.81 -33.07
C GLY B 210 -8.77 17.59 -33.54
N LYS B 211 -9.23 16.33 -33.57
CA LYS B 211 -10.56 15.92 -34.03
C LYS B 211 -11.26 15.05 -33.00
N ASP B 212 -10.49 14.19 -32.31
CA ASP B 212 -11.00 13.29 -31.28
C ASP B 212 -10.08 13.26 -30.05
N VAL B 213 -10.58 12.71 -28.94
CA VAL B 213 -9.83 12.58 -27.70
C VAL B 213 -9.06 11.26 -27.60
N ASP B 214 -7.77 11.39 -27.24
CA ASP B 214 -6.84 10.30 -27.01
C ASP B 214 -6.24 10.52 -25.63
N HIS B 215 -5.23 9.72 -25.25
CA HIS B 215 -4.59 9.84 -23.93
C HIS B 215 -3.79 11.12 -23.75
N LYS B 216 -3.29 11.70 -24.86
CA LYS B 216 -2.54 12.97 -24.85
C LYS B 216 -3.46 14.14 -24.49
N VAL B 217 -4.69 14.16 -25.07
CA VAL B 217 -5.72 15.18 -24.82
C VAL B 217 -6.17 15.11 -23.36
N LEU B 218 -6.39 13.87 -22.84
CA LEU B 218 -6.80 13.61 -21.45
C LEU B 218 -5.72 13.98 -20.45
N LYS B 219 -4.43 13.78 -20.82
CA LYS B 219 -3.28 14.15 -19.99
C LYS B 219 -3.22 15.67 -19.89
N ALA B 220 -3.37 16.37 -21.02
CA ALA B 220 -3.36 17.83 -21.09
C ALA B 220 -4.57 18.45 -20.39
N LEU B 221 -5.75 17.76 -20.43
CA LEU B 221 -6.99 18.23 -19.83
C LEU B 221 -7.00 18.24 -18.31
N PHE B 222 -6.42 17.20 -17.69
CA PHE B 222 -6.45 17.06 -16.23
C PHE B 222 -5.15 17.33 -15.49
N HIS B 223 -3.97 17.10 -16.12
CA HIS B 223 -2.68 17.30 -15.46
C HIS B 223 -2.40 18.73 -15.04
N ARG B 224 -1.99 18.89 -13.78
CA ARG B 224 -1.61 20.18 -13.17
C ARG B 224 -0.33 19.93 -12.36
N PRO B 225 0.52 20.96 -12.08
CA PRO B 225 1.73 20.72 -11.26
C PRO B 225 1.40 20.18 -9.85
N TYR B 226 0.24 20.59 -9.30
CA TYR B 226 -0.29 20.17 -7.99
C TYR B 226 -1.22 18.94 -8.09
N PHE B 227 -1.48 18.44 -9.31
CA PHE B 227 -2.40 17.33 -9.53
C PHE B 227 -1.85 16.45 -10.65
N HIS B 228 -0.97 15.49 -10.28
CA HIS B 228 -0.33 14.59 -11.23
C HIS B 228 -1.33 13.59 -11.82
N VAL B 229 -1.35 13.51 -13.17
CA VAL B 229 -2.27 12.64 -13.89
C VAL B 229 -1.54 11.53 -14.65
N SER B 230 -2.01 10.28 -14.48
CA SER B 230 -1.53 9.12 -15.21
C SER B 230 -2.71 8.63 -16.03
N VAL B 231 -2.55 8.58 -17.37
CA VAL B 231 -3.61 8.15 -18.29
C VAL B 231 -3.40 6.71 -18.74
N ILE B 232 -4.41 5.85 -18.52
CA ILE B 232 -4.39 4.43 -18.88
C ILE B 232 -5.68 4.06 -19.64
N GLU B 233 -5.83 2.76 -19.98
CA GLU B 233 -6.99 2.22 -20.67
C GLU B 233 -8.00 1.58 -19.71
N ASP B 234 -7.50 0.84 -18.70
CA ASP B 234 -8.28 0.07 -17.73
C ASP B 234 -9.31 0.86 -16.90
N VAL B 235 -10.51 1.11 -17.52
CA VAL B 235 -11.65 1.80 -16.91
C VAL B 235 -12.22 0.94 -15.78
N ALA B 236 -12.29 -0.38 -15.97
CA ALA B 236 -12.82 -1.31 -14.97
C ALA B 236 -12.00 -1.33 -13.66
N GLY B 237 -10.67 -1.48 -13.78
CA GLY B 237 -9.73 -1.52 -12.65
C GLY B 237 -9.81 -0.32 -11.73
N ILE B 238 -9.69 0.89 -12.30
CA ILE B 238 -9.78 2.21 -11.66
C ILE B 238 -11.09 2.34 -10.85
N SER B 239 -12.20 1.78 -11.37
CA SER B 239 -13.57 1.85 -10.84
C SER B 239 -13.87 0.96 -9.65
N ILE B 240 -13.47 -0.31 -9.69
CA ILE B 240 -13.73 -1.25 -8.61
C ILE B 240 -13.01 -0.92 -7.29
N CYS B 241 -11.78 -0.37 -7.41
CA CYS B 241 -10.94 0.08 -6.30
C CYS B 241 -11.67 1.13 -5.46
N GLY B 242 -12.27 2.10 -6.14
CA GLY B 242 -13.02 3.22 -5.56
C GLY B 242 -14.11 2.84 -4.57
N ALA B 243 -14.71 1.64 -4.77
CA ALA B 243 -15.74 1.10 -3.88
C ALA B 243 -15.16 0.09 -2.88
N LEU B 244 -14.41 -0.90 -3.36
CA LEU B 244 -13.85 -1.98 -2.56
C LEU B 244 -12.89 -1.56 -1.46
N LYS B 245 -12.14 -0.47 -1.68
CA LYS B 245 -11.17 0.06 -0.71
C LYS B 245 -11.84 0.38 0.65
N ASN B 246 -13.11 0.80 0.61
CA ASN B 246 -13.91 1.17 1.78
C ASN B 246 -14.28 -0.04 2.65
N VAL B 247 -14.41 -1.23 2.04
CA VAL B 247 -14.67 -2.51 2.74
C VAL B 247 -13.38 -2.89 3.47
N VAL B 248 -12.23 -2.73 2.80
CA VAL B 248 -10.89 -2.98 3.35
C VAL B 248 -10.61 -2.01 4.51
N ALA B 249 -10.93 -0.70 4.35
CA ALA B 249 -10.73 0.34 5.37
C ALA B 249 -11.45 -0.01 6.67
N LEU B 250 -12.60 -0.71 6.57
CA LEU B 250 -13.36 -1.17 7.74
C LEU B 250 -12.56 -2.22 8.51
N GLY B 251 -11.99 -3.19 7.79
CA GLY B 251 -11.13 -4.23 8.36
C GLY B 251 -9.90 -3.67 9.06
N CYS B 252 -9.33 -2.55 8.53
CA CYS B 252 -8.18 -1.84 9.12
C CYS B 252 -8.57 -1.16 10.44
N GLY B 253 -9.72 -0.50 10.43
CA GLY B 253 -10.28 0.19 11.59
C GLY B 253 -10.53 -0.76 12.74
N PHE B 254 -11.14 -1.94 12.42
CA PHE B 254 -11.41 -2.99 13.41
C PHE B 254 -10.12 -3.40 14.08
N VAL B 255 -9.12 -3.68 13.29
CA VAL B 255 -7.79 -4.11 13.70
C VAL B 255 -7.00 -3.04 14.51
N GLU B 256 -7.15 -1.76 14.13
CA GLU B 256 -6.53 -0.62 14.83
C GLU B 256 -7.19 -0.40 16.19
N GLY B 257 -8.54 -0.33 16.19
CA GLY B 257 -9.37 -0.15 17.37
C GLY B 257 -9.19 -1.21 18.44
N LEU B 258 -8.83 -2.44 18.01
CA LEU B 258 -8.53 -3.57 18.89
C LEU B 258 -7.13 -3.41 19.52
N GLY B 259 -6.36 -2.45 19.04
CA GLY B 259 -5.01 -2.15 19.52
C GLY B 259 -3.92 -3.01 18.91
N TRP B 260 -4.15 -3.55 17.70
CA TRP B 260 -3.17 -4.42 17.04
C TRP B 260 -2.08 -3.68 16.27
N GLY B 261 -2.25 -2.37 16.08
CA GLY B 261 -1.25 -1.50 15.48
C GLY B 261 -1.17 -1.47 13.96
N ASN B 262 -0.07 -0.84 13.48
CA ASN B 262 0.25 -0.61 12.08
C ASN B 262 0.51 -1.88 11.27
N ASN B 263 1.19 -2.87 11.88
CA ASN B 263 1.56 -4.14 11.24
C ASN B 263 0.34 -4.98 10.91
N ALA B 264 -0.67 -4.96 11.79
CA ALA B 264 -1.92 -5.68 11.61
C ALA B 264 -2.75 -4.96 10.54
N SER B 265 -2.72 -3.62 10.54
CA SER B 265 -3.43 -2.78 9.56
C SER B 265 -2.85 -3.00 8.16
N ALA B 266 -1.51 -2.95 8.03
CA ALA B 266 -0.78 -3.16 6.77
C ALA B 266 -1.08 -4.56 6.18
N ALA B 267 -1.24 -5.58 7.05
CA ALA B 267 -1.61 -6.97 6.68
C ALA B 267 -3.00 -7.01 6.03
N ILE B 268 -4.01 -6.27 6.60
CA ILE B 268 -5.37 -6.18 6.04
C ILE B 268 -5.36 -5.46 4.71
N GLN B 269 -4.52 -4.42 4.57
CA GLN B 269 -4.34 -3.69 3.32
C GLN B 269 -3.77 -4.60 2.24
N ARG B 270 -2.82 -5.48 2.60
CA ARG B 270 -2.20 -6.44 1.68
C ARG B 270 -3.22 -7.47 1.24
N VAL B 271 -3.97 -8.04 2.20
CA VAL B 271 -5.02 -9.03 1.93
C VAL B 271 -6.13 -8.38 1.08
N GLY B 272 -6.52 -7.17 1.47
CA GLY B 272 -7.53 -6.36 0.78
C GLY B 272 -7.17 -6.06 -0.66
N LEU B 273 -5.92 -5.60 -0.91
CA LEU B 273 -5.42 -5.37 -2.28
C LEU B 273 -5.55 -6.64 -3.13
N GLY B 274 -5.18 -7.79 -2.57
CA GLY B 274 -5.28 -9.09 -3.23
C GLY B 274 -6.72 -9.41 -3.61
N GLU B 275 -7.67 -9.10 -2.71
CA GLU B 275 -9.10 -9.33 -2.92
C GLU B 275 -9.72 -8.40 -3.97
N ILE B 276 -9.21 -7.16 -4.06
CA ILE B 276 -9.62 -6.16 -5.06
C ILE B 276 -9.15 -6.64 -6.45
N ILE B 277 -7.90 -7.12 -6.56
CA ILE B 277 -7.35 -7.66 -7.80
C ILE B 277 -8.18 -8.87 -8.28
N ARG B 278 -8.41 -9.83 -7.35
CA ARG B 278 -9.18 -11.05 -7.57
C ARG B 278 -10.60 -10.74 -8.05
N PHE B 279 -11.26 -9.74 -7.41
CA PHE B 279 -12.62 -9.32 -7.76
C PHE B 279 -12.66 -8.74 -9.17
N GLY B 280 -11.70 -7.90 -9.51
CA GLY B 280 -11.58 -7.26 -10.81
C GLY B 280 -11.33 -8.23 -11.95
N GLN B 281 -10.45 -9.19 -11.75
CA GLN B 281 -10.15 -10.17 -12.78
C GLN B 281 -11.26 -11.21 -12.96
N MET B 282 -12.01 -11.50 -11.88
CA MET B 282 -13.10 -12.46 -11.88
C MET B 282 -14.34 -11.91 -12.60
N PHE B 283 -14.69 -10.64 -12.31
CA PHE B 283 -15.88 -9.99 -12.86
C PHE B 283 -15.62 -8.97 -13.96
N PHE B 284 -14.37 -8.53 -14.14
CA PHE B 284 -13.99 -7.68 -15.28
C PHE B 284 -12.60 -8.02 -15.85
N PRO B 285 -12.52 -8.96 -16.78
CA PRO B 285 -11.35 -9.80 -16.95
C PRO B 285 -10.07 -9.58 -17.78
N GLU B 286 -9.80 -8.69 -18.72
CA GLU B 286 -10.46 -7.47 -19.00
C GLU B 286 -9.62 -6.40 -18.33
N SER B 287 -9.48 -6.57 -17.03
CA SER B 287 -8.78 -5.66 -16.17
C SER B 287 -7.35 -6.09 -16.02
N ARG B 288 -6.43 -5.15 -15.96
CA ARG B 288 -5.02 -5.49 -15.81
C ARG B 288 -4.65 -5.45 -14.33
N GLU B 289 -3.88 -6.46 -13.85
CA GLU B 289 -3.40 -6.53 -12.46
C GLU B 289 -2.61 -5.28 -12.13
N GLU B 290 -1.82 -4.78 -13.11
CA GLU B 290 -0.95 -3.61 -13.09
C GLU B 290 -1.64 -2.38 -12.56
N THR B 291 -2.89 -2.13 -12.98
CA THR B 291 -3.74 -1.00 -12.60
C THR B 291 -3.85 -0.89 -11.07
N TYR B 292 -4.08 -2.03 -10.40
CA TYR B 292 -4.29 -2.11 -8.96
C TYR B 292 -3.07 -1.74 -8.10
N TYR B 293 -1.86 -2.13 -8.53
CA TYR B 293 -0.64 -1.81 -7.78
C TYR B 293 0.21 -0.66 -8.35
N GLN B 294 0.01 -0.28 -9.62
CA GLN B 294 0.77 0.80 -10.27
C GLN B 294 0.09 2.17 -10.23
N GLU B 295 -1.26 2.19 -10.12
CA GLU B 295 -2.02 3.44 -10.22
C GLU B 295 -2.55 4.02 -8.93
N SER B 296 -2.79 5.36 -8.94
CA SER B 296 -3.32 6.13 -7.83
C SER B 296 -4.67 5.58 -7.40
N ALA B 297 -5.51 5.21 -8.39
CA ALA B 297 -6.86 4.64 -8.19
C ALA B 297 -6.81 3.30 -7.43
N GLY B 298 -5.70 2.59 -7.56
CA GLY B 298 -5.49 1.32 -6.88
C GLY B 298 -4.88 1.47 -5.51
N VAL B 299 -3.63 0.98 -5.36
CA VAL B 299 -2.84 0.96 -4.12
C VAL B 299 -2.83 2.28 -3.32
N ALA B 300 -2.58 3.43 -3.99
CA ALA B 300 -2.51 4.74 -3.33
C ALA B 300 -3.84 5.12 -2.69
N ASP B 301 -4.94 4.91 -3.43
CA ASP B 301 -6.27 5.22 -2.89
C ASP B 301 -6.64 4.31 -1.72
N LEU B 302 -6.21 3.04 -1.77
CA LEU B 302 -6.38 2.09 -0.67
C LEU B 302 -5.61 2.58 0.58
N ILE B 303 -4.32 2.94 0.39
CA ILE B 303 -3.46 3.43 1.47
C ILE B 303 -4.07 4.64 2.19
N THR B 304 -4.42 5.69 1.43
CA THR B 304 -5.00 6.91 2.01
C THR B 304 -6.31 6.67 2.76
N THR B 305 -7.18 5.81 2.23
CA THR B 305 -8.48 5.45 2.80
C THR B 305 -8.31 4.70 4.11
N CYS B 306 -7.37 3.75 4.14
CA CYS B 306 -7.07 2.97 5.34
C CYS B 306 -6.30 3.77 6.40
N ALA B 307 -5.60 4.85 5.99
CA ALA B 307 -4.85 5.73 6.91
C ALA B 307 -5.78 6.65 7.70
N GLY B 308 -6.76 7.25 7.02
CA GLY B 308 -7.73 8.15 7.63
C GLY B 308 -8.93 8.37 6.75
N GLY B 309 -10.10 8.46 7.36
CA GLY B 309 -11.36 8.66 6.67
C GLY B 309 -12.55 8.12 7.43
N ARG B 310 -13.76 8.32 6.85
CA ARG B 310 -15.05 7.93 7.43
C ARG B 310 -15.16 6.45 7.80
N ASN B 311 -14.81 5.55 6.84
CA ASN B 311 -14.87 4.10 7.01
C ASN B 311 -13.94 3.57 8.08
N VAL B 312 -12.66 3.97 8.07
CA VAL B 312 -11.68 3.53 9.08
C VAL B 312 -12.05 4.05 10.48
N LYS B 313 -12.51 5.32 10.58
CA LYS B 313 -12.90 5.99 11.83
C LYS B 313 -14.09 5.31 12.50
N VAL B 314 -15.15 4.96 11.71
CA VAL B 314 -16.36 4.26 12.18
C VAL B 314 -16.00 2.87 12.72
N ALA B 315 -15.18 2.13 11.96
CA ALA B 315 -14.71 0.78 12.29
C ALA B 315 -13.85 0.75 13.55
N ARG B 316 -13.03 1.79 13.73
CA ARG B 316 -12.14 1.97 14.90
C ARG B 316 -12.98 2.18 16.17
N LEU B 317 -14.07 2.99 16.08
CA LEU B 317 -14.98 3.25 17.18
C LEU B 317 -15.79 2.00 17.54
N MET B 318 -16.20 1.20 16.52
CA MET B 318 -16.92 -0.07 16.69
C MET B 318 -16.11 -1.01 17.58
N ALA B 319 -14.77 -1.04 17.39
CA ALA B 319 -13.83 -1.85 18.15
C ALA B 319 -13.59 -1.27 19.56
N THR B 320 -13.47 0.07 19.65
CA THR B 320 -13.23 0.83 20.88
C THR B 320 -14.41 0.72 21.86
N SER B 321 -15.63 1.04 21.37
CA SER B 321 -16.86 1.04 22.16
C SER B 321 -17.56 -0.31 22.22
N GLY B 322 -18.00 -0.81 21.06
CA GLY B 322 -18.74 -2.06 20.94
C GLY B 322 -20.13 -1.81 20.39
N LYS B 323 -20.31 -0.58 19.93
CA LYS B 323 -21.51 -0.12 19.31
C LYS B 323 -21.50 -0.53 17.86
N ASP B 324 -22.66 -0.62 17.28
CA ASP B 324 -22.77 -1.13 15.95
C ASP B 324 -22.44 -0.03 14.99
N ALA B 325 -22.23 -0.40 13.75
CA ALA B 325 -21.78 0.55 12.77
C ALA B 325 -22.53 1.85 12.76
N TRP B 326 -23.85 1.79 12.72
CA TRP B 326 -24.67 2.96 12.47
C TRP B 326 -24.76 3.91 13.63
N GLU B 327 -24.59 3.35 14.81
CA GLU B 327 -24.54 4.13 16.04
C GLU B 327 -23.28 4.99 15.97
N CYS B 328 -22.16 4.38 15.54
CA CYS B 328 -20.85 5.01 15.37
C CYS B 328 -20.88 6.02 14.23
N GLU B 329 -21.57 5.67 13.12
CA GLU B 329 -21.79 6.50 11.93
C GLU B 329 -22.47 7.83 12.32
N LYS B 330 -23.49 7.74 13.19
CA LYS B 330 -24.29 8.88 13.70
C LYS B 330 -23.43 9.79 14.59
N GLU B 331 -22.69 9.19 15.54
CA GLU B 331 -21.80 9.83 16.50
C GLU B 331 -20.63 10.62 15.85
N LEU B 332 -19.99 10.08 14.79
CA LEU B 332 -18.82 10.70 14.15
C LEU B 332 -19.04 11.49 12.86
N LEU B 333 -19.92 11.04 11.98
CA LEU B 333 -20.02 11.68 10.68
C LEU B 333 -21.32 12.43 10.48
N ASN B 334 -22.05 12.59 11.57
CA ASN B 334 -23.39 13.11 11.55
C ASN B 334 -24.07 12.96 10.20
N GLY B 335 -24.07 14.02 9.42
CA GLY B 335 -24.76 13.98 8.15
C GLY B 335 -24.37 12.78 7.32
N GLN B 336 -23.07 12.62 7.10
CA GLN B 336 -22.61 11.73 6.05
C GLN B 336 -22.46 10.29 6.46
N SER B 337 -22.27 9.45 5.45
CA SER B 337 -22.23 8.00 5.56
C SER B 337 -20.88 7.37 5.22
N ALA B 338 -20.57 6.25 5.90
CA ALA B 338 -19.38 5.44 5.63
C ALA B 338 -19.89 4.45 4.59
N GLN B 339 -19.54 4.71 3.32
CA GLN B 339 -20.01 3.95 2.16
C GLN B 339 -19.65 2.44 2.16
N GLY B 340 -18.61 2.07 2.92
CA GLY B 340 -18.15 0.68 3.06
C GLY B 340 -19.17 -0.22 3.71
N LEU B 341 -20.07 0.36 4.55
CA LEU B 341 -21.16 -0.32 5.28
C LEU B 341 -22.18 -0.89 4.28
N ILE B 342 -22.50 -0.10 3.25
CA ILE B 342 -23.39 -0.46 2.17
C ILE B 342 -22.67 -1.46 1.24
N THR B 343 -21.41 -1.16 0.85
CA THR B 343 -20.60 -1.96 -0.07
C THR B 343 -20.36 -3.39 0.37
N CYS B 344 -20.04 -3.61 1.68
CA CYS B 344 -19.79 -4.98 2.14
C CYS B 344 -21.02 -5.89 2.05
N LYS B 345 -22.22 -5.32 2.19
CA LYS B 345 -23.50 -6.03 2.05
C LYS B 345 -23.77 -6.34 0.58
N GLU B 346 -23.59 -5.33 -0.29
CA GLU B 346 -23.80 -5.45 -1.74
C GLU B 346 -22.87 -6.46 -2.38
N VAL B 347 -21.57 -6.44 -2.00
CA VAL B 347 -20.55 -7.36 -2.50
C VAL B 347 -20.96 -8.78 -2.11
N HIS B 348 -21.35 -8.97 -0.83
CA HIS B 348 -21.80 -10.23 -0.26
C HIS B 348 -22.98 -10.81 -1.03
N GLU B 349 -23.98 -9.96 -1.35
CA GLU B 349 -25.17 -10.34 -2.11
C GLU B 349 -24.82 -10.82 -3.51
N TRP B 350 -23.93 -10.08 -4.19
CA TRP B 350 -23.42 -10.44 -5.52
C TRP B 350 -22.68 -11.77 -5.49
N LEU B 351 -21.84 -11.97 -4.48
CA LEU B 351 -21.06 -13.20 -4.30
C LEU B 351 -21.90 -14.41 -3.97
N GLU B 352 -23.03 -14.21 -3.24
CA GLU B 352 -23.99 -15.27 -2.92
C GLU B 352 -24.68 -15.76 -4.20
N THR B 353 -25.05 -14.83 -5.12
CA THR B 353 -25.70 -15.18 -6.39
C THR B 353 -24.73 -15.81 -7.40
N CYS B 354 -23.42 -15.60 -7.19
CA CYS B 354 -22.32 -16.13 -8.00
C CYS B 354 -21.82 -17.47 -7.44
N GLY B 355 -21.95 -17.64 -6.12
CA GLY B 355 -21.44 -18.79 -5.38
C GLY B 355 -19.94 -18.66 -5.23
N SER B 356 -19.46 -17.42 -5.01
CA SER B 356 -18.05 -17.05 -4.88
C SER B 356 -17.69 -16.35 -3.56
N VAL B 357 -18.47 -16.62 -2.49
CA VAL B 357 -18.27 -16.04 -1.15
C VAL B 357 -16.96 -16.51 -0.53
N GLU B 358 -16.65 -17.81 -0.66
CA GLU B 358 -15.43 -18.45 -0.15
C GLU B 358 -14.13 -17.82 -0.70
N ASP B 359 -14.17 -17.30 -1.94
CA ASP B 359 -13.02 -16.68 -2.62
C ASP B 359 -12.60 -15.36 -2.04
N PHE B 360 -13.50 -14.69 -1.27
CA PHE B 360 -13.18 -13.39 -0.67
C PHE B 360 -13.37 -13.38 0.85
N PRO B 361 -12.54 -14.13 1.62
CA PRO B 361 -12.72 -14.16 3.10
C PRO B 361 -12.69 -12.83 3.84
N LEU B 362 -11.86 -11.83 3.40
CA LEU B 362 -11.82 -10.51 4.04
C LEU B 362 -13.11 -9.73 3.83
N PHE B 363 -13.60 -9.70 2.57
CA PHE B 363 -14.87 -9.04 2.21
C PHE B 363 -16.01 -9.68 3.02
N GLU B 364 -16.00 -11.03 3.13
CA GLU B 364 -17.00 -11.78 3.90
C GLU B 364 -16.91 -11.48 5.39
N ALA B 365 -15.68 -11.45 5.95
CA ALA B 365 -15.39 -11.17 7.36
C ALA B 365 -15.92 -9.80 7.79
N VAL B 366 -15.65 -8.74 6.99
CA VAL B 366 -16.13 -7.37 7.22
C VAL B 366 -17.68 -7.37 7.26
N TYR B 367 -18.33 -8.03 6.27
CA TYR B 367 -19.80 -8.13 6.20
C TYR B 367 -20.39 -8.79 7.45
N GLN B 368 -19.80 -9.93 7.88
CA GLN B 368 -20.23 -10.73 9.03
C GLN B 368 -20.12 -9.97 10.36
N ILE B 369 -19.07 -9.15 10.50
CA ILE B 369 -18.83 -8.33 11.70
C ILE B 369 -19.86 -7.18 11.77
N VAL B 370 -20.04 -6.44 10.66
CA VAL B 370 -20.93 -5.29 10.51
C VAL B 370 -22.41 -5.64 10.67
N TYR B 371 -22.92 -6.61 9.89
CA TYR B 371 -24.34 -6.99 9.89
C TYR B 371 -24.75 -8.00 10.93
N ASN B 372 -24.00 -9.09 11.05
CA ASN B 372 -24.28 -10.10 12.06
C ASN B 372 -23.41 -9.74 13.28
N ASN B 373 -23.31 -10.60 14.30
CA ASN B 373 -22.48 -10.19 15.44
C ASN B 373 -21.18 -10.98 15.59
N TYR B 374 -20.42 -11.07 14.49
CA TYR B 374 -19.15 -11.79 14.44
C TYR B 374 -18.06 -11.17 15.32
N PRO B 375 -17.43 -12.00 16.18
CA PRO B 375 -16.49 -11.48 17.20
C PRO B 375 -15.43 -10.40 16.94
N MET B 376 -15.05 -10.12 15.66
CA MET B 376 -14.06 -9.10 15.28
C MET B 376 -12.62 -9.52 15.60
N LYS B 377 -12.40 -10.16 16.77
CA LYS B 377 -11.09 -10.67 17.20
C LYS B 377 -10.72 -11.90 16.36
N ASN B 378 -11.73 -12.54 15.74
CA ASN B 378 -11.57 -13.74 14.90
C ASN B 378 -11.12 -13.43 13.47
N LEU B 379 -10.96 -12.13 13.13
CA LEU B 379 -10.50 -11.64 11.83
C LEU B 379 -9.28 -12.42 11.27
N PRO B 380 -8.15 -12.60 12.02
CA PRO B 380 -7.03 -13.41 11.49
C PRO B 380 -7.39 -14.84 11.09
N ASP B 381 -8.23 -15.52 11.90
CA ASP B 381 -8.70 -16.89 11.66
C ASP B 381 -9.60 -16.97 10.41
N MET B 382 -10.40 -15.92 10.16
CA MET B 382 -11.32 -15.84 9.03
C MET B 382 -10.60 -15.67 7.70
N ILE B 383 -9.49 -14.91 7.70
CA ILE B 383 -8.70 -14.64 6.50
C ILE B 383 -7.51 -15.60 6.29
N GLU B 384 -7.16 -16.39 7.33
CA GLU B 384 -6.07 -17.36 7.35
C GLU B 384 -6.11 -18.30 6.14
N GLU B 385 -4.96 -18.39 5.44
CA GLU B 385 -4.74 -19.20 4.24
C GLU B 385 -3.98 -20.48 4.60
#